data_5DEC
#
_entry.id   5DEC
#
_cell.length_a   78.130
_cell.length_b   77.690
_cell.length_c   81.610
_cell.angle_alpha   90.00
_cell.angle_beta   90.40
_cell.angle_gamma   90.00
#
_symmetry.space_group_name_H-M   'P 1 21 1'
#
loop_
_entity.id
_entity.type
_entity.pdbx_description
1 polymer 'GTP pyrophosphokinase YjbM'
2 water water
#
_entity_poly.entity_id   1
_entity_poly.type   'polypeptide(L)'
_entity_poly.pdbx_seq_one_letter_code
;MGHHHHHHDDDKWERFLVPYRQAVEELKVKLKGIRTLYEYEDDHSPIEFVTGRVKPVASILEKARRKSIPLHEIETMQDI
AGLRIMCQFVDDIQIVKEMLFARKDFTVVDQRDYIAEHKESGYRSYHLVVLYPLQTVSGEKHVLVEIQIRTLAMNFWATI
EHSLNYKYSGNIPEKVKLRLQRASEAASRLDEEMSEIRGEVQEAQAAFSRKKKGSEQQ
;
_entity_poly.pdbx_strand_id   A,B,C,D
#
# COMPACT_ATOMS: atom_id res chain seq x y z
N ASP A 10 22.69 17.71 -4.81
CA ASP A 10 21.33 17.51 -4.32
C ASP A 10 20.81 16.18 -4.81
N ASP A 11 21.41 15.69 -5.89
CA ASP A 11 21.20 14.33 -6.37
C ASP A 11 22.03 13.31 -5.60
N LYS A 12 23.12 13.81 -5.04
CA LYS A 12 23.97 13.06 -4.14
C LYS A 12 23.24 12.67 -2.87
N TRP A 13 22.35 13.55 -2.41
CA TRP A 13 21.59 13.29 -1.18
C TRP A 13 20.59 12.16 -1.35
N GLU A 14 19.82 12.17 -2.43
CA GLU A 14 18.78 11.18 -2.59
C GLU A 14 19.37 9.81 -2.90
N ARG A 15 20.58 9.78 -3.46
CA ARG A 15 21.28 8.51 -3.64
C ARG A 15 21.81 8.02 -2.31
N PHE A 16 22.22 8.96 -1.45
CA PHE A 16 22.69 8.62 -0.12
C PHE A 16 21.55 8.05 0.73
N LEU A 17 20.34 8.51 0.50
CA LEU A 17 19.21 8.10 1.34
C LEU A 17 18.51 6.83 0.85
N VAL A 18 18.82 6.42 -0.37
CA VAL A 18 18.21 5.21 -0.95
C VAL A 18 18.31 3.96 -0.03
N PRO A 19 19.52 3.63 0.47
CA PRO A 19 19.59 2.45 1.35
C PRO A 19 18.79 2.62 2.65
N TYR A 20 18.73 3.84 3.15
CA TYR A 20 18.01 4.08 4.40
C TYR A 20 16.52 3.86 4.17
N ARG A 21 16.01 4.35 3.04
CA ARG A 21 14.59 4.15 2.69
C ARG A 21 14.25 2.66 2.54
N GLN A 22 15.12 1.91 1.89
CA GLN A 22 14.86 0.48 1.66
C GLN A 22 14.93 -0.30 2.99
N ALA A 23 15.88 0.06 3.86
CA ALA A 23 15.95 -0.58 5.18
C ALA A 23 14.64 -0.38 5.94
N VAL A 24 14.16 0.85 5.94
CA VAL A 24 12.88 1.14 6.55
C VAL A 24 11.73 0.35 5.98
N GLU A 25 11.64 0.26 4.65
CA GLU A 25 10.52 -0.48 4.06
C GLU A 25 10.60 -1.96 4.40
N GLU A 26 11.81 -2.52 4.44
CA GLU A 26 11.95 -3.94 4.79
C GLU A 26 11.59 -4.18 6.26
N LEU A 27 12.05 -3.31 7.14
CA LEU A 27 11.76 -3.49 8.57
C LEU A 27 10.27 -3.28 8.86
N LYS A 28 9.61 -2.37 8.14
CA LYS A 28 8.17 -2.16 8.33
C LYS A 28 7.40 -3.44 8.06
N VAL A 29 7.68 -4.09 6.94
CA VAL A 29 6.95 -5.31 6.61
C VAL A 29 7.23 -6.43 7.61
N LYS A 30 8.48 -6.54 8.05
CA LYS A 30 8.84 -7.53 9.08
C LYS A 30 8.06 -7.27 10.38
N LEU A 31 8.15 -6.06 10.88
CA LEU A 31 7.55 -5.73 12.19
C LEU A 31 6.02 -5.77 12.16
N LYS A 32 5.42 -5.40 11.03
CA LYS A 32 3.96 -5.54 10.87
C LYS A 32 3.52 -6.99 10.86
N GLY A 33 4.46 -7.89 10.59
CA GLY A 33 4.15 -9.31 10.62
C GLY A 33 3.87 -9.82 12.02
N ILE A 34 4.39 -9.14 13.03
CA ILE A 34 4.20 -9.60 14.42
C ILE A 34 2.72 -9.60 14.79
N ARG A 35 2.06 -8.47 14.52
CA ARG A 35 0.64 -8.32 14.80
C ARG A 35 -0.16 -9.38 14.04
N THR A 36 0.22 -9.58 12.78
CA THR A 36 -0.41 -10.60 11.94
C THR A 36 -0.30 -11.97 12.57
N LEU A 37 0.90 -12.31 13.03
CA LEU A 37 1.12 -13.58 13.74
C LEU A 37 0.14 -13.78 14.91
N TYR A 38 -0.37 -12.70 15.49
CA TYR A 38 -1.22 -12.78 16.69
C TYR A 38 -2.72 -12.82 16.46
N GLU A 39 -3.18 -12.31 15.33
CA GLU A 39 -4.58 -12.06 15.14
C GLU A 39 -5.35 -13.24 14.60
N ASP A 42 -8.79 -16.03 20.33
CA ASP A 42 -7.79 -15.26 19.59
C ASP A 42 -7.06 -14.34 20.51
N ASP A 43 -5.83 -13.98 20.17
CA ASP A 43 -4.99 -13.32 21.14
C ASP A 43 -4.69 -11.83 20.93
N HIS A 44 -4.00 -11.31 21.91
CA HIS A 44 -3.66 -9.89 22.07
C HIS A 44 -2.30 -9.59 21.50
N SER A 45 -2.29 -8.78 20.49
CA SER A 45 -1.04 -8.35 19.89
C SER A 45 -0.32 -7.30 20.72
N PRO A 46 0.98 -7.51 20.97
CA PRO A 46 1.73 -6.50 21.72
C PRO A 46 2.04 -5.28 20.86
N ILE A 47 1.74 -5.36 19.58
CA ILE A 47 1.94 -4.23 18.70
C ILE A 47 0.63 -3.78 18.11
N GLU A 48 0.36 -2.48 18.23
CA GLU A 48 -0.85 -1.89 17.65
C GLU A 48 -0.59 -1.42 16.21
N PHE A 49 0.44 -0.60 16.02
CA PHE A 49 0.90 -0.31 14.65
C PHE A 49 2.34 0.16 14.59
N VAL A 50 2.82 0.27 13.35
CA VAL A 50 4.22 0.51 13.05
C VAL A 50 4.32 1.61 12.03
N THR A 51 5.15 2.61 12.31
CA THR A 51 5.43 3.63 11.30
C THR A 51 6.93 3.68 11.10
N GLY A 52 7.35 4.26 9.98
CA GLY A 52 8.75 4.43 9.68
C GLY A 52 8.98 5.62 8.78
N ARG A 53 10.15 6.23 8.91
CA ARG A 53 10.46 7.50 8.25
C ARG A 53 11.95 7.68 8.01
N VAL A 54 12.33 8.21 6.85
CA VAL A 54 13.69 8.69 6.69
C VAL A 54 13.70 10.21 6.89
N LYS A 55 14.65 10.69 7.69
CA LYS A 55 14.74 12.10 8.00
C LYS A 55 15.06 12.90 6.74
N PRO A 56 14.29 13.96 6.48
CA PRO A 56 14.56 14.85 5.33
C PRO A 56 15.95 15.48 5.41
N VAL A 57 16.56 15.75 4.26
CA VAL A 57 17.90 16.34 4.21
C VAL A 57 17.98 17.59 5.07
N ALA A 58 16.94 18.40 5.01
CA ALA A 58 16.86 19.62 5.81
C ALA A 58 17.06 19.30 7.27
N SER A 59 16.34 18.30 7.77
CA SER A 59 16.38 17.97 9.19
C SER A 59 17.70 17.30 9.56
N ILE A 60 18.29 16.57 8.61
CA ILE A 60 19.60 15.96 8.82
C ILE A 60 20.67 17.02 9.01
N LEU A 61 20.71 17.97 8.08
CA LEU A 61 21.67 19.07 8.13
C LEU A 61 21.53 19.89 9.41
N GLU A 62 20.30 20.27 9.74
CA GLU A 62 20.07 21.10 10.93
C GLU A 62 20.51 20.41 12.21
N LYS A 63 20.23 19.12 12.35
CA LYS A 63 20.71 18.39 13.52
C LYS A 63 22.23 18.23 13.46
N ALA A 64 22.77 18.18 12.25
CA ALA A 64 24.20 18.04 12.05
C ALA A 64 24.90 19.30 12.53
N ARG A 65 24.19 20.43 12.43
CA ARG A 65 24.78 21.71 12.79
C ARG A 65 24.56 22.00 14.28
N ARG A 66 23.65 21.28 14.93
CA ARG A 66 23.42 21.51 16.35
C ARG A 66 24.30 20.62 17.18
N LYS A 67 24.70 19.49 16.62
CA LYS A 67 25.65 18.63 17.30
C LYS A 67 26.90 18.50 16.48
N SER A 68 27.16 19.56 15.71
CA SER A 68 28.44 19.81 15.08
C SER A 68 29.03 18.59 14.37
N ILE A 69 28.33 18.07 13.39
CA ILE A 69 28.74 16.85 12.69
C ILE A 69 29.26 17.22 11.32
N PRO A 70 30.56 16.98 11.08
CA PRO A 70 31.14 17.10 9.74
C PRO A 70 30.41 16.21 8.74
N LEU A 71 30.15 16.77 7.57
CA LEU A 71 29.30 16.14 6.55
C LEU A 71 29.87 14.82 6.07
N HIS A 72 31.14 14.59 6.36
CA HIS A 72 31.77 13.32 6.04
C HIS A 72 31.50 12.32 7.17
N GLU A 73 30.92 12.79 8.26
CA GLU A 73 30.62 11.91 9.37
C GLU A 73 29.12 11.76 9.66
N ILE A 74 28.25 12.15 8.72
CA ILE A 74 26.83 12.11 8.98
C ILE A 74 26.30 10.70 9.13
N GLU A 75 26.93 9.76 8.43
CA GLU A 75 26.47 8.37 8.40
C GLU A 75 26.57 7.70 9.77
N THR A 76 27.16 8.39 10.73
CA THR A 76 27.27 7.87 12.09
C THR A 76 25.99 8.19 12.85
N MET A 77 25.21 9.11 12.30
CA MET A 77 23.93 9.51 12.88
C MET A 77 22.98 8.31 12.95
N GLN A 78 22.38 8.11 14.12
CA GLN A 78 21.62 6.88 14.38
C GLN A 78 20.17 6.91 13.89
N ASP A 79 19.64 8.09 13.60
CA ASP A 79 18.20 8.17 13.32
C ASP A 79 17.89 8.79 11.97
N ILE A 80 18.82 8.67 11.03
CA ILE A 80 18.50 9.00 9.65
C ILE A 80 17.36 8.11 9.23
N ALA A 81 17.47 6.83 9.57
CA ALA A 81 16.35 5.90 9.40
C ALA A 81 15.70 5.66 10.75
N GLY A 82 14.38 5.69 10.80
CA GLY A 82 13.69 5.47 12.07
C GLY A 82 12.38 4.71 11.94
N LEU A 83 12.10 3.87 12.93
CA LEU A 83 10.78 3.26 13.01
C LEU A 83 10.14 3.59 14.38
N ARG A 84 8.81 3.56 14.40
CA ARG A 84 8.11 3.71 15.67
C ARG A 84 7.10 2.61 15.79
N ILE A 85 7.16 1.96 16.94
CA ILE A 85 6.25 0.89 17.28
C ILE A 85 5.34 1.37 18.39
N MET A 86 4.04 1.36 18.15
CA MET A 86 3.07 1.81 19.16
C MET A 86 2.36 0.61 19.81
N CYS A 87 2.30 0.60 21.14
CA CYS A 87 1.66 -0.50 21.88
C CYS A 87 0.48 0.01 22.72
N GLN A 88 -0.50 -0.84 22.98
CA GLN A 88 -1.64 -0.47 23.83
C GLN A 88 -1.27 -0.29 25.29
N PHE A 89 -0.46 -1.20 25.82
CA PHE A 89 -0.14 -1.25 27.24
C PHE A 89 1.34 -1.09 27.52
N VAL A 90 1.66 -0.51 28.68
CA VAL A 90 3.03 -0.34 29.12
C VAL A 90 3.79 -1.70 29.14
N ASP A 91 3.11 -2.76 29.56
CA ASP A 91 3.75 -4.08 29.61
C ASP A 91 4.03 -4.66 28.22
N ASP A 92 3.32 -4.20 27.20
CA ASP A 92 3.60 -4.65 25.84
C ASP A 92 4.99 -4.23 25.38
N ILE A 93 5.47 -3.14 25.94
CA ILE A 93 6.74 -2.58 25.49
C ILE A 93 7.89 -3.55 25.79
N GLN A 94 7.88 -4.14 26.99
CA GLN A 94 8.90 -5.12 27.38
C GLN A 94 8.81 -6.37 26.48
N ILE A 95 7.60 -6.75 26.13
CA ILE A 95 7.41 -7.91 25.27
C ILE A 95 8.01 -7.63 23.89
N VAL A 96 7.75 -6.43 23.36
CA VAL A 96 8.28 -6.07 22.03
C VAL A 96 9.79 -5.96 22.07
N LYS A 97 10.31 -5.34 23.13
CA LYS A 97 11.74 -5.23 23.32
C LYS A 97 12.40 -6.62 23.25
N GLU A 98 11.82 -7.58 23.97
CA GLU A 98 12.39 -8.93 23.99
C GLU A 98 12.33 -9.62 22.63
N MET A 99 11.26 -9.37 21.88
CA MET A 99 11.15 -9.90 20.54
C MET A 99 12.27 -9.36 19.67
N LEU A 100 12.53 -8.05 19.77
CA LEU A 100 13.56 -7.42 18.93
C LEU A 100 14.94 -7.92 19.28
N PHE A 101 15.20 -8.09 20.58
CA PHE A 101 16.53 -8.58 20.99
C PHE A 101 16.77 -10.02 20.52
N ALA A 102 15.68 -10.77 20.33
CA ALA A 102 15.80 -12.16 19.89
C ALA A 102 15.91 -12.37 18.37
N ARG A 103 15.62 -11.35 17.57
CA ARG A 103 15.62 -11.52 16.12
C ARG A 103 17.03 -11.67 15.58
N LYS A 104 17.18 -12.53 14.58
CA LYS A 104 18.49 -12.79 14.00
C LYS A 104 18.71 -12.12 12.63
N ASP A 105 17.73 -11.32 12.18
CA ASP A 105 17.91 -10.65 10.90
C ASP A 105 18.46 -9.23 11.08
N PHE A 106 18.83 -8.88 12.30
CA PHE A 106 19.64 -7.70 12.55
C PHE A 106 20.34 -7.84 13.90
N THR A 107 21.15 -6.85 14.26
CA THR A 107 21.76 -6.84 15.59
C THR A 107 21.46 -5.53 16.30
N VAL A 108 21.18 -5.63 17.59
CA VAL A 108 20.93 -4.45 18.40
C VAL A 108 22.25 -3.84 18.87
N VAL A 109 22.47 -2.55 18.64
CA VAL A 109 23.75 -1.99 19.05
C VAL A 109 23.67 -0.93 20.13
N ASP A 110 22.47 -0.43 20.41
CA ASP A 110 22.30 0.58 21.47
C ASP A 110 20.85 0.64 21.92
N GLN A 111 20.62 1.20 23.10
CA GLN A 111 19.25 1.35 23.61
C GLN A 111 19.19 2.42 24.69
N ARG A 112 18.01 2.99 24.90
CA ARG A 112 17.82 3.88 26.04
C ARG A 112 16.34 3.97 26.44
N ASP A 113 16.08 3.95 27.74
CA ASP A 113 14.73 3.78 28.28
C ASP A 113 14.24 5.03 29.03
N TYR A 114 13.46 5.88 28.37
CA TYR A 114 12.87 7.03 29.06
C TYR A 114 11.52 6.71 29.68
N ILE A 115 11.17 5.43 29.74
CA ILE A 115 9.96 5.00 30.41
C ILE A 115 10.26 4.76 31.89
N ALA A 116 11.40 4.13 32.16
CA ALA A 116 11.87 3.91 33.52
C ALA A 116 12.10 5.24 34.23
N GLY A 122 8.45 15.36 30.76
CA GLY A 122 7.45 14.30 30.85
C GLY A 122 7.55 13.31 29.68
N TYR A 123 8.62 13.43 28.90
CA TYR A 123 8.81 12.58 27.72
C TYR A 123 8.99 11.11 28.12
N ARG A 124 8.15 10.27 27.54
CA ARG A 124 8.19 8.82 27.78
C ARG A 124 8.33 8.08 26.45
N SER A 125 9.34 7.22 26.35
CA SER A 125 9.62 6.43 25.14
C SER A 125 10.78 5.48 25.38
N TYR A 126 10.73 4.28 24.79
CA TYR A 126 11.88 3.39 24.79
C TYR A 126 12.58 3.45 23.43
N HIS A 127 13.91 3.61 23.42
CA HIS A 127 14.66 3.67 22.17
C HIS A 127 15.60 2.52 22.06
N LEU A 128 15.71 1.93 20.87
CA LEU A 128 16.87 1.10 20.61
C LEU A 128 17.38 1.37 19.22
N VAL A 129 18.62 0.98 18.98
CA VAL A 129 19.22 1.17 17.67
C VAL A 129 19.70 -0.17 17.13
N VAL A 130 19.35 -0.47 15.89
CA VAL A 130 19.79 -1.72 15.27
C VAL A 130 20.68 -1.48 14.08
N LEU A 131 21.51 -2.48 13.80
CA LEU A 131 22.33 -2.46 12.61
C LEU A 131 21.76 -3.47 11.62
N TYR A 132 21.22 -2.97 10.52
CA TYR A 132 20.49 -3.80 9.56
C TYR A 132 21.34 -4.11 8.35
N PRO A 133 21.57 -5.39 8.07
CA PRO A 133 22.46 -5.80 6.97
C PRO A 133 21.75 -5.75 5.61
N LEU A 134 21.59 -4.56 5.05
CA LEU A 134 20.88 -4.37 3.80
C LEU A 134 21.58 -5.00 2.60
N GLN A 135 20.89 -5.86 1.86
CA GLN A 135 21.44 -6.41 0.62
C GLN A 135 21.24 -5.41 -0.51
N THR A 136 22.34 -4.97 -1.13
CA THR A 136 22.26 -4.00 -2.21
C THR A 136 22.74 -4.65 -3.51
N VAL A 137 22.74 -3.88 -4.59
CA VAL A 137 23.21 -4.40 -5.88
C VAL A 137 24.72 -4.70 -5.85
N SER A 138 25.47 -3.87 -5.13
CA SER A 138 26.93 -3.99 -5.08
C SER A 138 27.41 -4.73 -3.84
N GLY A 139 26.49 -5.40 -3.14
CA GLY A 139 26.85 -6.14 -1.95
C GLY A 139 26.05 -5.70 -0.74
N GLU A 140 26.66 -5.80 0.42
CA GLU A 140 25.99 -5.47 1.68
C GLU A 140 26.27 -4.07 2.15
N LYS A 141 25.28 -3.46 2.78
CA LYS A 141 25.48 -2.20 3.46
C LYS A 141 24.80 -2.30 4.83
N HIS A 142 25.56 -2.14 5.89
CA HIS A 142 24.99 -2.18 7.23
C HIS A 142 24.49 -0.78 7.59
N VAL A 143 23.19 -0.64 7.82
CA VAL A 143 22.67 0.68 8.12
C VAL A 143 22.06 0.75 9.52
N LEU A 144 22.32 1.87 10.20
CA LEU A 144 21.76 2.08 11.53
C LEU A 144 20.31 2.52 11.40
N VAL A 145 19.44 1.90 12.20
CA VAL A 145 18.03 2.25 12.19
C VAL A 145 17.57 2.42 13.62
N GLU A 146 16.99 3.57 13.96
CA GLU A 146 16.46 3.75 15.33
C GLU A 146 15.05 3.20 15.45
N ILE A 147 14.77 2.43 16.48
CA ILE A 147 13.41 1.93 16.67
C ILE A 147 12.94 2.44 18.03
N GLN A 148 11.85 3.21 18.05
CA GLN A 148 11.27 3.66 19.31
C GLN A 148 10.03 2.87 19.62
N ILE A 149 9.86 2.53 20.89
CA ILE A 149 8.67 1.79 21.30
C ILE A 149 7.93 2.68 22.30
N ARG A 150 6.65 2.91 22.03
CA ARG A 150 5.84 3.85 22.81
C ARG A 150 4.44 3.35 23.04
N THR A 151 3.80 3.72 24.16
CA THR A 151 2.34 3.55 24.23
C THR A 151 1.67 4.58 23.35
N LEU A 152 0.41 4.34 23.03
CA LEU A 152 -0.38 5.27 22.27
C LEU A 152 -0.43 6.66 22.96
N ALA A 153 -0.62 6.64 24.27
CA ALA A 153 -0.73 7.90 25.00
C ALA A 153 0.61 8.64 25.01
N MET A 154 1.71 7.90 25.20
CA MET A 154 3.06 8.45 25.08
C MET A 154 3.32 9.09 23.72
N ASN A 155 2.96 8.39 22.65
CA ASN A 155 3.22 8.89 21.29
C ASN A 155 2.41 10.17 21.02
N PHE A 156 1.19 10.17 21.52
CA PHE A 156 0.32 11.34 21.38
C PHE A 156 0.96 12.56 22.03
N TRP A 157 1.32 12.42 23.31
CA TRP A 157 1.97 13.53 24.01
C TRP A 157 3.26 13.96 23.30
N ALA A 158 4.11 12.99 22.94
CA ALA A 158 5.37 13.33 22.29
C ALA A 158 5.17 14.03 20.96
N THR A 159 4.13 13.63 20.21
CA THR A 159 3.85 14.27 18.92
C THR A 159 3.48 15.75 19.11
N ILE A 160 2.66 16.02 20.13
CA ILE A 160 2.28 17.40 20.43
C ILE A 160 3.46 18.20 20.91
N GLU A 161 4.27 17.61 21.79
CA GLU A 161 5.44 18.32 22.30
C GLU A 161 6.37 18.71 21.16
N HIS A 162 6.56 17.79 20.22
CA HIS A 162 7.45 18.05 19.08
C HIS A 162 6.91 19.19 18.21
N SER A 163 5.60 19.19 17.96
CA SER A 163 4.96 20.24 17.14
C SER A 163 5.09 21.62 17.77
N LEU A 164 4.87 21.71 19.08
CA LEU A 164 4.93 23.00 19.76
C LEU A 164 6.33 23.57 19.78
N ASN A 165 7.27 22.68 20.00
CA ASN A 165 8.67 23.05 20.02
C ASN A 165 9.13 23.53 18.64
N TYR A 166 8.53 22.99 17.58
CA TYR A 166 8.75 23.50 16.23
C TYR A 166 8.04 24.86 16.05
N LYS A 167 6.78 24.94 16.40
CA LYS A 167 6.05 26.22 16.25
C LYS A 167 6.70 27.38 17.02
N TYR A 168 7.28 27.08 18.18
CA TYR A 168 7.86 28.12 19.03
C TYR A 168 9.38 28.16 18.94
N SER A 169 9.93 27.49 17.93
CA SER A 169 11.37 27.45 17.70
C SER A 169 12.14 27.16 18.98
N GLY A 170 11.63 26.23 19.78
CA GLY A 170 12.38 25.81 20.94
C GLY A 170 12.16 26.62 22.18
N ASN A 171 11.30 27.62 22.10
CA ASN A 171 11.06 28.48 23.25
C ASN A 171 9.58 28.58 23.52
N ILE A 172 9.07 27.54 24.18
CA ILE A 172 7.67 27.48 24.50
C ILE A 172 7.35 28.38 25.67
N PRO A 173 6.32 29.22 25.55
CA PRO A 173 5.92 30.14 26.62
C PRO A 173 5.48 29.37 27.87
N GLU A 174 5.64 29.98 29.03
CA GLU A 174 5.40 29.27 30.28
C GLU A 174 3.98 28.81 30.40
N LYS A 175 3.06 29.57 29.84
CA LYS A 175 1.66 29.22 29.91
C LYS A 175 1.35 27.94 29.12
N VAL A 176 2.08 27.69 28.03
CA VAL A 176 1.90 26.47 27.24
C VAL A 176 2.69 25.34 27.86
N LYS A 177 3.87 25.68 28.37
CA LYS A 177 4.72 24.68 29.00
C LYS A 177 4.10 24.02 30.25
N LEU A 178 3.39 24.80 31.06
CA LEU A 178 2.70 24.24 32.22
C LEU A 178 1.60 23.24 31.78
N ARG A 179 0.84 23.61 30.77
CA ARG A 179 -0.20 22.71 30.30
C ARG A 179 0.36 21.44 29.67
N LEU A 180 1.49 21.56 28.99
CA LEU A 180 2.15 20.41 28.37
C LEU A 180 2.61 19.43 29.45
N GLN A 181 3.11 20.00 30.54
CA GLN A 181 3.52 19.18 31.68
C GLN A 181 2.33 18.47 32.33
N ARG A 182 1.23 19.18 32.52
CA ARG A 182 0.03 18.55 33.09
C ARG A 182 -0.49 17.47 32.13
N ALA A 183 -0.39 17.75 30.83
CA ALA A 183 -0.84 16.77 29.84
C ALA A 183 -0.02 15.49 29.90
N SER A 184 1.29 15.59 30.10
CA SER A 184 2.11 14.39 30.21
C SER A 184 1.72 13.61 31.46
N GLU A 185 1.38 14.32 32.53
CA GLU A 185 0.93 13.62 33.74
C GLU A 185 -0.43 12.93 33.48
N ALA A 186 -1.32 13.58 32.75
CA ALA A 186 -2.59 12.94 32.41
C ALA A 186 -2.39 11.69 31.54
N ALA A 187 -1.47 11.79 30.58
CA ALA A 187 -1.16 10.64 29.72
C ALA A 187 -0.60 9.49 30.55
N SER A 188 0.28 9.81 31.48
CA SER A 188 0.83 8.81 32.37
C SER A 188 -0.29 8.16 33.25
N ARG A 189 -1.24 8.94 33.76
CA ARG A 189 -2.33 8.35 34.55
C ARG A 189 -3.27 7.48 33.69
N LEU A 190 -3.49 7.89 32.44
CA LEU A 190 -4.28 7.09 31.52
C LEU A 190 -3.61 5.73 31.33
N ASP A 191 -2.29 5.74 31.13
CA ASP A 191 -1.59 4.48 30.96
C ASP A 191 -1.72 3.62 32.24
N GLU A 192 -1.67 4.25 33.41
CA GLU A 192 -1.79 3.53 34.68
C GLU A 192 -3.14 2.82 34.86
N GLU A 193 -4.23 3.51 34.53
CA GLU A 193 -5.52 2.87 34.66
C GLU A 193 -5.64 1.72 33.65
N MET A 194 -5.05 1.90 32.47
CA MET A 194 -5.04 0.84 31.46
C MET A 194 -4.25 -0.38 31.94
N SER A 195 -3.13 -0.13 32.61
CA SER A 195 -2.32 -1.20 33.13
C SER A 195 -3.08 -2.04 34.18
N GLU A 196 -3.90 -1.36 34.98
CA GLU A 196 -4.72 -2.02 36.00
C GLU A 196 -5.79 -2.89 35.38
N ILE A 197 -6.38 -2.41 34.28
CA ILE A 197 -7.32 -3.24 33.54
C ILE A 197 -6.62 -4.53 33.08
N ARG A 198 -5.42 -4.38 32.50
CA ARG A 198 -4.65 -5.53 32.01
C ARG A 198 -4.26 -6.49 33.14
N GLY A 199 -3.80 -5.92 34.26
CA GLY A 199 -3.33 -6.71 35.39
C GLY A 199 -4.42 -7.59 35.99
N GLU A 200 -5.64 -7.08 35.96
CA GLU A 200 -6.77 -7.82 36.47
C GLU A 200 -7.25 -8.97 35.56
N VAL A 201 -7.38 -8.69 34.26
CA VAL A 201 -7.82 -9.66 33.27
C VAL A 201 -6.86 -10.84 33.27
N GLN A 202 -5.59 -10.48 33.26
CA GLN A 202 -4.47 -11.39 33.31
C GLN A 202 -4.47 -12.28 34.54
N GLU A 203 -5.02 -11.75 35.62
CA GLU A 203 -5.22 -12.53 36.81
C GLU A 203 -6.50 -13.34 36.63
N ALA A 204 -6.52 -14.19 35.60
CA ALA A 204 -7.69 -14.97 35.25
C ALA A 204 -7.79 -16.27 36.06
N ASP B 10 9.54 26.98 -5.53
CA ASP B 10 9.56 25.65 -6.13
C ASP B 10 8.59 24.69 -5.46
N ASP B 11 8.24 24.94 -4.22
CA ASP B 11 7.14 24.23 -3.58
C ASP B 11 5.80 24.85 -3.96
N LYS B 12 5.84 25.98 -4.67
CA LYS B 12 4.63 26.49 -5.31
C LYS B 12 4.22 25.42 -6.32
N TRP B 13 5.22 24.74 -6.89
CA TRP B 13 4.99 23.63 -7.81
C TRP B 13 4.36 22.46 -7.08
N GLU B 14 4.94 22.12 -5.94
CA GLU B 14 4.50 20.95 -5.21
C GLU B 14 3.11 21.19 -4.63
N ARG B 15 2.79 22.45 -4.38
CA ARG B 15 1.46 22.82 -3.95
C ARG B 15 0.49 22.77 -5.15
N PHE B 16 0.98 23.10 -6.34
CA PHE B 16 0.19 23.03 -7.58
C PHE B 16 -0.16 21.58 -7.94
N LEU B 17 0.73 20.66 -7.62
CA LEU B 17 0.58 19.27 -8.05
C LEU B 17 -0.22 18.41 -7.07
N VAL B 18 -0.42 18.93 -5.86
CA VAL B 18 -1.14 18.20 -4.82
C VAL B 18 -2.51 17.67 -5.31
N PRO B 19 -3.34 18.52 -5.91
CA PRO B 19 -4.62 17.97 -6.39
C PRO B 19 -4.47 16.90 -7.46
N TYR B 20 -3.47 17.04 -8.32
CA TYR B 20 -3.24 16.06 -9.37
C TYR B 20 -2.87 14.72 -8.78
N ARG B 21 -1.99 14.74 -7.78
CA ARG B 21 -1.62 13.50 -7.10
C ARG B 21 -2.78 12.82 -6.41
N GLN B 22 -3.64 13.63 -5.77
CA GLN B 22 -4.79 13.07 -5.07
C GLN B 22 -5.81 12.50 -6.09
N ALA B 23 -6.00 13.19 -7.20
CA ALA B 23 -6.90 12.65 -8.23
C ALA B 23 -6.41 11.28 -8.71
N VAL B 24 -5.12 11.18 -8.98
CA VAL B 24 -4.53 9.90 -9.39
C VAL B 24 -4.72 8.81 -8.34
N GLU B 25 -4.47 9.11 -7.06
CA GLU B 25 -4.66 8.07 -6.04
C GLU B 25 -6.12 7.61 -5.91
N GLU B 26 -7.05 8.55 -6.04
CA GLU B 26 -8.47 8.20 -5.95
C GLU B 26 -8.87 7.32 -7.14
N LEU B 27 -8.45 7.71 -8.34
CA LEU B 27 -8.77 6.95 -9.54
C LEU B 27 -8.08 5.59 -9.56
N LYS B 28 -6.88 5.50 -9.00
CA LYS B 28 -6.23 4.17 -8.93
C LYS B 28 -7.05 3.18 -8.13
N VAL B 29 -7.52 3.59 -6.95
CA VAL B 29 -8.28 2.66 -6.13
C VAL B 29 -9.61 2.30 -6.79
N LYS B 30 -10.22 3.30 -7.42
CA LYS B 30 -11.47 3.07 -8.15
C LYS B 30 -11.28 2.05 -9.26
N LEU B 31 -10.31 2.30 -10.13
CA LEU B 31 -10.13 1.43 -11.30
C LEU B 31 -9.64 0.02 -10.93
N LYS B 32 -8.84 -0.08 -9.88
CA LYS B 32 -8.41 -1.39 -9.39
C LYS B 32 -9.58 -2.19 -8.85
N GLY B 33 -10.66 -1.51 -8.49
CA GLY B 33 -11.87 -2.19 -8.02
C GLY B 33 -12.58 -2.98 -9.10
N ILE B 34 -12.33 -2.63 -10.36
CA ILE B 34 -12.97 -3.32 -11.48
C ILE B 34 -12.52 -4.77 -11.50
N ARG B 35 -11.20 -4.99 -11.42
CA ARG B 35 -10.67 -6.35 -11.44
C ARG B 35 -11.18 -7.15 -10.24
N THR B 36 -11.19 -6.52 -9.06
CA THR B 36 -11.69 -7.20 -7.86
C THR B 36 -13.13 -7.71 -8.03
N LEU B 37 -14.01 -6.83 -8.53
CA LEU B 37 -15.40 -7.20 -8.80
C LEU B 37 -15.57 -8.45 -9.69
N TYR B 38 -14.54 -8.75 -10.49
CA TYR B 38 -14.59 -9.84 -11.47
C TYR B 38 -14.07 -11.18 -10.94
N GLU B 39 -13.41 -11.15 -9.78
CA GLU B 39 -12.83 -12.36 -9.19
C GLU B 39 -13.77 -13.04 -8.21
N ASP B 43 -14.84 -14.73 -13.28
CA ASP B 43 -14.59 -14.90 -14.71
C ASP B 43 -13.31 -14.18 -15.12
N HIS B 44 -13.25 -13.76 -16.39
CA HIS B 44 -12.07 -13.06 -16.89
C HIS B 44 -12.18 -11.56 -16.65
N SER B 45 -11.26 -11.01 -15.87
CA SER B 45 -11.23 -9.57 -15.69
C SER B 45 -10.70 -8.88 -16.95
N PRO B 46 -11.37 -7.82 -17.40
CA PRO B 46 -10.88 -7.05 -18.56
C PRO B 46 -9.67 -6.16 -18.21
N ILE B 47 -9.32 -6.10 -16.93
CA ILE B 47 -8.17 -5.34 -16.49
C ILE B 47 -7.17 -6.24 -15.79
N GLU B 48 -5.92 -6.17 -16.23
CA GLU B 48 -4.88 -6.97 -15.61
C GLU B 48 -4.24 -6.16 -14.46
N PHE B 49 -3.78 -4.94 -14.74
CA PHE B 49 -3.39 -4.05 -13.65
C PHE B 49 -3.46 -2.59 -14.05
N VAL B 50 -3.27 -1.71 -13.06
CA VAL B 50 -3.47 -0.28 -13.21
C VAL B 50 -2.30 0.47 -12.61
N THR B 51 -1.73 1.42 -13.35
CA THR B 51 -0.70 2.28 -12.78
C THR B 51 -1.11 3.73 -12.95
N GLY B 52 -0.48 4.60 -12.16
CA GLY B 52 -0.76 6.02 -12.25
C GLY B 52 0.46 6.83 -11.87
N ARG B 53 0.54 8.04 -12.42
CA ARG B 53 1.72 8.87 -12.29
C ARG B 53 1.36 10.33 -12.50
N VAL B 54 1.94 11.22 -11.67
CA VAL B 54 1.91 12.65 -11.95
C VAL B 54 3.24 13.06 -12.58
N LYS B 55 3.16 13.83 -13.65
CA LYS B 55 4.35 14.24 -14.40
C LYS B 55 5.34 15.03 -13.56
N PRO B 56 6.62 14.64 -13.58
CA PRO B 56 7.64 15.42 -12.86
C PRO B 56 7.71 16.85 -13.41
N VAL B 57 8.02 17.80 -12.53
CA VAL B 57 8.07 19.22 -12.88
C VAL B 57 8.94 19.50 -14.12
N ALA B 58 10.10 18.85 -14.18
CA ALA B 58 11.00 18.98 -15.32
C ALA B 58 10.28 18.58 -16.61
N SER B 59 9.57 17.47 -16.56
CA SER B 59 8.91 16.94 -17.74
C SER B 59 7.73 17.81 -18.13
N ILE B 60 7.09 18.44 -17.15
CA ILE B 60 6.02 19.40 -17.42
C ILE B 60 6.58 20.61 -18.15
N LEU B 61 7.64 21.19 -17.60
CA LEU B 61 8.32 22.35 -18.20
C LEU B 61 8.83 22.02 -19.60
N GLU B 62 9.53 20.90 -19.75
CA GLU B 62 10.07 20.50 -21.05
C GLU B 62 9.04 20.39 -22.15
N LYS B 63 7.93 19.74 -21.84
CA LYS B 63 6.86 19.61 -22.81
C LYS B 63 6.16 20.94 -23.07
N ALA B 64 6.12 21.79 -22.04
CA ALA B 64 5.47 23.09 -22.16
C ALA B 64 6.27 24.00 -23.09
N ARG B 65 7.57 23.80 -23.10
CA ARG B 65 8.45 24.64 -23.90
C ARG B 65 8.59 24.03 -25.30
N ARG B 66 8.19 22.77 -25.44
CA ARG B 66 8.25 22.07 -26.72
C ARG B 66 6.95 22.22 -27.54
N LYS B 67 5.85 22.41 -26.81
CA LYS B 67 4.51 22.71 -27.36
C LYS B 67 3.91 24.07 -26.98
N SER B 68 4.67 25.16 -27.08
CA SER B 68 4.05 26.47 -26.99
C SER B 68 3.25 26.73 -25.71
N ILE B 69 3.80 26.45 -24.54
CA ILE B 69 2.99 26.70 -23.37
C ILE B 69 3.65 27.70 -22.45
N PRO B 70 3.12 28.93 -22.46
CA PRO B 70 3.36 29.85 -21.35
C PRO B 70 2.86 29.22 -20.08
N LEU B 71 3.67 29.42 -19.07
CA LEU B 71 3.53 28.82 -17.75
C LEU B 71 2.24 29.18 -17.01
N HIS B 72 1.48 30.15 -17.50
CA HIS B 72 0.19 30.45 -16.86
C HIS B 72 -0.99 29.60 -17.35
N GLU B 73 -0.84 28.83 -18.44
CA GLU B 73 -1.96 27.97 -18.87
C GLU B 73 -1.52 26.50 -18.86
N ILE B 74 -0.50 26.16 -18.07
CA ILE B 74 -0.02 24.78 -18.03
C ILE B 74 -1.19 23.91 -17.57
N GLU B 75 -2.11 24.50 -16.85
CA GLU B 75 -3.26 23.81 -16.30
C GLU B 75 -4.14 23.27 -17.43
N THR B 76 -3.81 23.62 -18.67
CA THR B 76 -4.52 23.14 -19.85
C THR B 76 -3.96 21.82 -20.30
N MET B 77 -2.75 21.51 -19.82
CA MET B 77 -2.09 20.25 -20.15
C MET B 77 -2.94 19.07 -19.67
N GLN B 78 -3.18 18.14 -20.58
CA GLN B 78 -4.13 17.07 -20.33
C GLN B 78 -3.53 15.88 -19.58
N ASP B 79 -2.20 15.82 -19.50
CA ASP B 79 -1.56 14.62 -18.96
C ASP B 79 -0.60 14.90 -17.81
N ILE B 80 -0.83 15.98 -17.10
CA ILE B 80 -0.10 16.22 -15.86
C ILE B 80 -0.38 15.04 -14.94
N ALA B 81 -1.65 14.65 -14.87
CA ALA B 81 -2.04 13.44 -14.18
C ALA B 81 -2.34 12.35 -15.20
N GLY B 82 -1.83 11.14 -14.98
CA GLY B 82 -2.06 10.07 -15.94
C GLY B 82 -2.26 8.71 -15.30
N LEU B 83 -3.14 7.90 -15.87
CA LEU B 83 -3.24 6.51 -15.46
C LEU B 83 -3.05 5.61 -16.66
N ARG B 84 -2.64 4.38 -16.40
CA ARG B 84 -2.56 3.41 -17.49
C ARG B 84 -3.25 2.16 -17.05
N ILE B 85 -4.14 1.68 -17.93
CA ILE B 85 -4.89 0.48 -17.65
C ILE B 85 -4.37 -0.57 -18.63
N MET B 86 -3.86 -1.69 -18.11
CA MET B 86 -3.29 -2.76 -18.96
C MET B 86 -4.28 -3.92 -19.03
N CYS B 87 -4.55 -4.39 -20.24
CA CYS B 87 -5.49 -5.48 -20.48
C CYS B 87 -4.80 -6.67 -21.14
N GLN B 88 -5.31 -7.87 -20.88
CA GLN B 88 -4.77 -9.08 -21.49
C GLN B 88 -5.03 -9.17 -22.98
N PHE B 89 -6.26 -8.87 -23.38
CA PHE B 89 -6.67 -9.03 -24.78
C PHE B 89 -7.10 -7.70 -25.41
N VAL B 90 -6.90 -7.58 -26.72
CA VAL B 90 -7.32 -6.40 -27.44
C VAL B 90 -8.81 -6.11 -27.24
N ASP B 91 -9.65 -7.15 -27.18
CA ASP B 91 -11.09 -6.94 -27.03
C ASP B 91 -11.45 -6.43 -25.61
N ASP B 92 -10.55 -6.64 -24.66
CA ASP B 92 -10.75 -6.10 -23.32
C ASP B 92 -10.76 -4.58 -23.35
N ILE B 93 -10.07 -3.99 -24.33
CA ILE B 93 -9.94 -2.54 -24.37
C ILE B 93 -11.30 -1.86 -24.61
N GLN B 94 -12.08 -2.39 -25.54
CA GLN B 94 -13.40 -1.84 -25.82
C GLN B 94 -14.29 -1.98 -24.59
N ILE B 95 -14.15 -3.09 -23.86
CA ILE B 95 -14.92 -3.32 -22.65
C ILE B 95 -14.60 -2.28 -21.59
N VAL B 96 -13.31 -2.01 -21.37
CA VAL B 96 -12.91 -1.03 -20.37
C VAL B 96 -13.36 0.36 -20.78
N LYS B 97 -13.20 0.68 -22.06
CA LYS B 97 -13.67 1.94 -22.60
C LYS B 97 -15.14 2.19 -22.27
N GLU B 98 -15.96 1.17 -22.51
CA GLU B 98 -17.38 1.31 -22.26
C GLU B 98 -17.69 1.44 -20.79
N MET B 99 -16.94 0.73 -19.94
CA MET B 99 -17.09 0.94 -18.51
C MET B 99 -16.79 2.38 -18.14
N LEU B 100 -15.71 2.94 -18.69
CA LEU B 100 -15.30 4.29 -18.30
C LEU B 100 -16.33 5.33 -18.76
N PHE B 101 -16.86 5.12 -19.96
CA PHE B 101 -17.86 6.05 -20.50
C PHE B 101 -19.15 6.06 -19.65
N ALA B 102 -19.43 4.95 -18.97
CA ALA B 102 -20.64 4.83 -18.16
C ALA B 102 -20.50 5.34 -16.72
N ARG B 103 -19.27 5.57 -16.26
CA ARG B 103 -19.10 5.98 -14.88
C ARG B 103 -19.63 7.39 -14.67
N LYS B 104 -20.26 7.62 -13.52
CA LYS B 104 -20.80 8.93 -13.21
C LYS B 104 -19.94 9.70 -12.22
N ASP B 105 -18.80 9.17 -11.82
CA ASP B 105 -17.95 9.89 -10.86
C ASP B 105 -16.88 10.73 -11.56
N PHE B 106 -16.97 10.80 -12.90
CA PHE B 106 -16.24 11.78 -13.68
C PHE B 106 -16.92 11.91 -15.03
N THR B 107 -16.41 12.81 -15.88
CA THR B 107 -16.92 12.92 -17.23
C THR B 107 -15.78 12.85 -18.24
N VAL B 108 -16.01 12.13 -19.33
CA VAL B 108 -15.03 12.01 -20.39
C VAL B 108 -15.12 13.24 -21.30
N VAL B 109 -13.99 13.92 -21.52
CA VAL B 109 -13.99 15.15 -22.30
C VAL B 109 -13.20 15.04 -23.60
N ASP B 110 -12.43 13.98 -23.76
CA ASP B 110 -11.67 13.79 -24.98
C ASP B 110 -11.24 12.34 -25.13
N GLN B 111 -10.92 11.94 -26.36
CA GLN B 111 -10.42 10.60 -26.62
C GLN B 111 -9.66 10.54 -27.94
N ARG B 112 -8.75 9.57 -28.07
CA ARG B 112 -8.10 9.34 -29.36
C ARG B 112 -7.56 7.92 -29.41
N ASP B 113 -7.73 7.28 -30.56
CA ASP B 113 -7.49 5.86 -30.71
C ASP B 113 -6.30 5.56 -31.61
N TYR B 114 -5.14 5.29 -31.01
CA TYR B 114 -3.97 4.88 -31.79
C TYR B 114 -3.92 3.37 -31.98
N ILE B 115 -5.00 2.69 -31.62
CA ILE B 115 -5.13 1.26 -31.88
C ILE B 115 -5.80 1.06 -33.24
N ALA B 116 -6.78 1.91 -33.52
CA ALA B 116 -7.52 1.88 -34.77
C ALA B 116 -6.60 2.02 -35.98
N HIS B 118 -2.20 2.79 -36.42
CA HIS B 118 -1.28 3.24 -35.38
C HIS B 118 -0.21 4.18 -35.94
N LYS B 119 0.64 4.70 -35.06
CA LYS B 119 1.62 5.72 -35.44
C LYS B 119 2.70 5.14 -36.34
N GLU B 120 3.55 5.99 -36.90
CA GLU B 120 4.54 5.57 -37.89
C GLU B 120 5.53 4.52 -37.34
N SER B 121 5.95 4.64 -36.08
CA SER B 121 6.96 3.74 -35.52
C SER B 121 6.33 2.46 -34.97
N GLY B 122 5.01 2.48 -34.76
CA GLY B 122 4.34 1.33 -34.19
C GLY B 122 3.66 1.51 -32.83
N TYR B 123 3.53 2.76 -32.38
CA TYR B 123 2.87 3.04 -31.09
C TYR B 123 1.43 2.61 -31.14
N ARG B 124 1.03 1.79 -30.17
CA ARG B 124 -0.34 1.32 -30.05
C ARG B 124 -0.87 1.64 -28.63
N SER B 125 -1.99 2.36 -28.55
CA SER B 125 -2.61 2.74 -27.27
C SER B 125 -3.94 3.46 -27.48
N TYR B 126 -4.89 3.25 -26.58
CA TYR B 126 -6.10 4.07 -26.61
C TYR B 126 -6.04 5.14 -25.53
N HIS B 127 -6.32 6.40 -25.88
CA HIS B 127 -6.30 7.47 -24.90
C HIS B 127 -7.67 8.05 -24.67
N LEU B 128 -7.97 8.36 -23.41
CA LEU B 128 -9.06 9.28 -23.14
C LEU B 128 -8.68 10.25 -22.02
N VAL B 129 -9.40 11.35 -21.94
CA VAL B 129 -9.12 12.36 -20.93
C VAL B 129 -10.40 12.58 -20.15
N VAL B 130 -10.33 12.53 -18.82
CA VAL B 130 -11.52 12.75 -18.02
C VAL B 130 -11.38 14.01 -17.18
N LEU B 131 -12.53 14.60 -16.84
CA LEU B 131 -12.54 15.71 -15.93
C LEU B 131 -13.02 15.19 -14.56
N TYR B 132 -12.10 15.18 -13.59
CA TYR B 132 -12.38 14.55 -12.29
C TYR B 132 -12.70 15.63 -11.25
N PRO B 133 -13.92 15.57 -10.66
CA PRO B 133 -14.41 16.56 -9.68
C PRO B 133 -13.86 16.29 -8.28
N LEU B 134 -12.61 16.68 -8.08
CA LEU B 134 -11.92 16.46 -6.82
C LEU B 134 -12.47 17.31 -5.67
N GLN B 135 -12.83 16.64 -4.57
CA GLN B 135 -13.27 17.32 -3.36
C GLN B 135 -12.06 17.77 -2.57
N THR B 136 -11.94 19.08 -2.34
CA THR B 136 -10.79 19.62 -1.62
C THR B 136 -11.26 20.29 -0.33
N VAL B 137 -10.30 20.83 0.41
CA VAL B 137 -10.63 21.51 1.66
C VAL B 137 -11.44 22.77 1.38
N SER B 138 -11.16 23.41 0.26
CA SER B 138 -11.82 24.67 -0.08
C SER B 138 -13.00 24.51 -1.04
N GLY B 139 -13.43 23.27 -1.27
CA GLY B 139 -14.53 23.02 -2.19
C GLY B 139 -14.13 22.07 -3.30
N GLU B 140 -14.69 22.25 -4.48
CA GLU B 140 -14.39 21.38 -5.62
C GLU B 140 -13.33 21.96 -6.55
N LYS B 141 -12.51 21.07 -7.09
CA LYS B 141 -11.57 21.42 -8.16
C LYS B 141 -11.65 20.37 -9.25
N HIS B 142 -11.97 20.78 -10.46
CA HIS B 142 -12.01 19.85 -11.57
C HIS B 142 -10.62 19.70 -12.18
N VAL B 143 -10.08 18.48 -12.18
CA VAL B 143 -8.76 18.26 -12.76
C VAL B 143 -8.80 17.30 -13.94
N LEU B 144 -7.98 17.61 -14.93
CA LEU B 144 -7.85 16.77 -16.12
C LEU B 144 -6.94 15.61 -15.80
N VAL B 145 -7.36 14.42 -16.20
CA VAL B 145 -6.57 13.21 -16.00
C VAL B 145 -6.57 12.42 -17.28
N GLU B 146 -5.39 12.09 -17.80
CA GLU B 146 -5.32 11.25 -18.99
C GLU B 146 -5.38 9.77 -18.58
N ILE B 147 -6.23 9.00 -19.25
CA ILE B 147 -6.28 7.57 -18.99
C ILE B 147 -5.93 6.86 -20.30
N GLN B 148 -4.86 6.06 -20.31
CA GLN B 148 -4.55 5.24 -21.48
C GLN B 148 -4.93 3.78 -21.22
N ILE B 149 -5.41 3.10 -22.27
CA ILE B 149 -5.75 1.69 -22.15
C ILE B 149 -4.88 0.93 -23.17
N ARG B 150 -4.17 -0.11 -22.72
CA ARG B 150 -3.20 -0.81 -23.55
C ARG B 150 -3.23 -2.29 -23.28
N THR B 151 -2.91 -3.12 -24.26
CA THR B 151 -2.62 -4.51 -23.93
C THR B 151 -1.26 -4.56 -23.26
N LEU B 152 -0.98 -5.68 -22.61
CA LEU B 152 0.32 -5.93 -22.00
C LEU B 152 1.46 -5.76 -23.02
N ALA B 153 1.27 -6.30 -24.21
CA ALA B 153 2.29 -6.28 -25.24
C ALA B 153 2.53 -4.86 -25.79
N MET B 154 1.44 -4.12 -26.00
CA MET B 154 1.50 -2.69 -26.34
C MET B 154 2.26 -1.91 -25.26
N ASN B 155 1.93 -2.18 -24.01
CA ASN B 155 2.56 -1.44 -22.92
C ASN B 155 4.06 -1.75 -22.87
N PHE B 156 4.39 -3.01 -23.09
CA PHE B 156 5.81 -3.41 -23.11
C PHE B 156 6.56 -2.65 -24.21
N TRP B 157 6.03 -2.72 -25.43
CA TRP B 157 6.69 -2.02 -26.55
C TRP B 157 6.81 -0.51 -26.28
N ALA B 158 5.74 0.12 -25.82
CA ALA B 158 5.76 1.57 -25.58
C ALA B 158 6.78 1.97 -24.51
N THR B 159 6.93 1.11 -23.52
CA THR B 159 7.89 1.36 -22.44
C THR B 159 9.32 1.34 -22.97
N ILE B 160 9.61 0.39 -23.85
CA ILE B 160 10.93 0.31 -24.48
C ILE B 160 11.17 1.51 -25.37
N GLU B 161 10.18 1.87 -26.19
CA GLU B 161 10.33 3.04 -27.04
C GLU B 161 10.58 4.31 -26.23
N HIS B 162 9.88 4.44 -25.10
CA HIS B 162 10.03 5.63 -24.28
C HIS B 162 11.45 5.72 -23.73
N SER B 163 11.94 4.58 -23.24
CA SER B 163 13.31 4.49 -22.71
C SER B 163 14.36 4.80 -23.77
N LEU B 164 14.17 4.30 -24.99
CA LEU B 164 15.11 4.59 -26.05
C LEU B 164 15.08 6.04 -26.46
N ASN B 165 13.89 6.63 -26.51
CA ASN B 165 13.82 8.04 -26.88
C ASN B 165 14.50 8.92 -25.85
N TYR B 166 14.40 8.52 -24.59
CA TYR B 166 15.10 9.21 -23.52
C TYR B 166 16.61 8.99 -23.62
N LYS B 167 17.04 7.73 -23.76
CA LYS B 167 18.46 7.45 -23.88
C LYS B 167 19.14 8.18 -25.06
N TYR B 168 18.43 8.32 -26.17
CA TYR B 168 19.00 8.92 -27.39
C TYR B 168 18.52 10.33 -27.63
N SER B 169 17.94 10.94 -26.60
CA SER B 169 17.48 12.33 -26.65
C SER B 169 16.63 12.61 -27.89
N GLY B 170 15.76 11.67 -28.23
CA GLY B 170 14.79 11.90 -29.28
C GLY B 170 15.32 11.56 -30.66
N ASN B 171 16.55 11.07 -30.74
CA ASN B 171 17.14 10.72 -32.04
C ASN B 171 17.67 9.32 -32.03
N ILE B 172 16.78 8.35 -32.20
CA ILE B 172 17.16 6.96 -32.17
C ILE B 172 17.84 6.63 -33.50
N PRO B 173 19.02 6.00 -33.45
CA PRO B 173 19.77 5.68 -34.67
C PRO B 173 18.95 4.73 -35.53
N GLU B 174 19.15 4.78 -36.83
CA GLU B 174 18.26 4.09 -37.73
C GLU B 174 18.31 2.58 -37.52
N LYS B 175 19.47 2.03 -37.14
CA LYS B 175 19.58 0.59 -36.96
C LYS B 175 18.72 0.14 -35.79
N VAL B 176 18.64 0.99 -34.78
CA VAL B 176 17.84 0.64 -33.61
C VAL B 176 16.37 0.90 -33.89
N LYS B 177 16.10 1.99 -34.60
CA LYS B 177 14.73 2.33 -34.95
C LYS B 177 14.06 1.30 -35.87
N LEU B 178 14.82 0.74 -36.81
CA LEU B 178 14.30 -0.32 -37.68
C LEU B 178 13.87 -1.53 -36.83
N ARG B 179 14.71 -1.92 -35.89
CA ARG B 179 14.41 -3.05 -34.99
C ARG B 179 13.24 -2.79 -34.04
N LEU B 180 13.16 -1.55 -33.57
CA LEU B 180 12.04 -1.12 -32.73
C LEU B 180 10.74 -1.25 -33.48
N GLN B 181 10.78 -0.88 -34.77
CA GLN B 181 9.61 -1.02 -35.62
C GLN B 181 9.29 -2.51 -35.80
N ARG B 182 10.30 -3.36 -35.98
CA ARG B 182 10.00 -4.81 -36.05
C ARG B 182 9.40 -5.34 -34.76
N ALA B 183 9.88 -4.82 -33.64
CA ALA B 183 9.34 -5.26 -32.35
C ALA B 183 7.87 -4.89 -32.23
N SER B 184 7.50 -3.71 -32.75
CA SER B 184 6.09 -3.31 -32.66
C SER B 184 5.18 -4.23 -33.47
N GLU B 185 5.67 -4.67 -34.64
CA GLU B 185 4.92 -5.63 -35.44
C GLU B 185 4.83 -6.98 -34.74
N ALA B 186 5.92 -7.41 -34.13
CA ALA B 186 5.94 -8.65 -33.38
C ALA B 186 4.96 -8.59 -32.20
N ALA B 187 4.92 -7.46 -31.48
CA ALA B 187 3.94 -7.29 -30.40
C ALA B 187 2.51 -7.34 -30.94
N SER B 188 2.29 -6.68 -32.06
CA SER B 188 0.99 -6.70 -32.72
C SER B 188 0.58 -8.13 -33.12
N ARG B 189 1.52 -8.89 -33.66
CA ARG B 189 1.18 -10.26 -34.02
C ARG B 189 0.87 -11.12 -32.81
N LEU B 190 1.58 -10.91 -31.71
CA LEU B 190 1.28 -11.63 -30.48
C LEU B 190 -0.15 -11.32 -30.04
N ASP B 191 -0.54 -10.05 -30.08
CA ASP B 191 -1.89 -9.68 -29.67
C ASP B 191 -2.94 -10.35 -30.59
N GLU B 192 -2.63 -10.44 -31.89
CA GLU B 192 -3.54 -11.08 -32.83
C GLU B 192 -3.75 -12.56 -32.49
N GLU B 193 -2.66 -13.27 -32.19
CA GLU B 193 -2.74 -14.68 -31.84
C GLU B 193 -3.51 -14.86 -30.54
N MET B 194 -3.30 -13.93 -29.60
CA MET B 194 -4.04 -13.96 -28.35
C MET B 194 -5.53 -13.75 -28.61
N SER B 195 -5.84 -12.83 -29.52
CA SER B 195 -7.24 -12.55 -29.85
C SER B 195 -7.93 -13.79 -30.41
N GLU B 196 -7.22 -14.55 -31.25
CA GLU B 196 -7.75 -15.78 -31.83
C GLU B 196 -8.03 -16.83 -30.76
N ILE B 197 -7.12 -16.94 -29.79
CA ILE B 197 -7.35 -17.83 -28.65
C ILE B 197 -8.62 -17.46 -27.91
N ARG B 198 -8.76 -16.18 -27.59
CA ARG B 198 -9.93 -15.69 -26.85
C ARG B 198 -11.24 -15.95 -27.61
N GLY B 199 -11.23 -15.64 -28.91
CA GLY B 199 -12.42 -15.78 -29.72
C GLY B 199 -12.85 -17.23 -29.84
N GLU B 200 -11.86 -18.11 -29.89
CA GLU B 200 -12.11 -19.53 -30.01
C GLU B 200 -12.63 -20.12 -28.71
N VAL B 201 -12.08 -19.68 -27.58
CA VAL B 201 -12.62 -20.11 -26.32
C VAL B 201 -14.09 -19.66 -26.26
N GLN B 202 -14.34 -18.39 -26.64
CA GLN B 202 -15.68 -17.81 -26.58
C GLN B 202 -16.69 -18.47 -27.55
N GLU B 203 -16.23 -19.15 -28.60
CA GLU B 203 -17.19 -19.92 -29.39
C GLU B 203 -17.50 -21.19 -28.56
N ALA B 204 -17.99 -20.97 -27.35
CA ALA B 204 -18.25 -22.03 -26.39
C ALA B 204 -19.59 -22.68 -26.61
N ASP C 10 -9.27 -26.41 9.64
CA ASP C 10 -8.90 -25.51 8.55
C ASP C 10 -8.42 -24.14 9.06
N ASP C 11 -8.69 -23.84 10.32
CA ASP C 11 -8.02 -22.71 10.94
C ASP C 11 -6.62 -23.23 11.23
N LYS C 12 -6.51 -24.56 11.17
CA LYS C 12 -5.24 -25.26 11.16
C LYS C 12 -4.46 -24.88 9.90
N TRP C 13 -5.20 -24.72 8.80
CA TRP C 13 -4.63 -24.32 7.52
C TRP C 13 -4.15 -22.89 7.51
N GLU C 14 -4.99 -22.00 8.02
CA GLU C 14 -4.72 -20.58 7.96
C GLU C 14 -3.55 -20.25 8.87
N ARG C 15 -3.39 -21.07 9.90
CA ARG C 15 -2.24 -20.97 10.80
C ARG C 15 -0.97 -21.57 10.17
N PHE C 16 -1.15 -22.63 9.38
CA PHE C 16 -0.03 -23.26 8.68
C PHE C 16 0.55 -22.31 7.61
N LEU C 17 -0.32 -21.51 7.00
CA LEU C 17 0.09 -20.69 5.87
C LEU C 17 0.64 -19.33 6.30
N VAL C 18 0.41 -18.96 7.56
CA VAL C 18 0.88 -17.67 8.07
C VAL C 18 2.37 -17.42 7.80
N PRO C 19 3.26 -18.38 8.13
CA PRO C 19 4.67 -18.08 7.87
C PRO C 19 4.97 -17.94 6.38
N TYR C 20 4.28 -18.71 5.56
CA TYR C 20 4.52 -18.67 4.12
C TYR C 20 4.15 -17.31 3.57
N ARG C 21 2.98 -16.82 4.00
CA ARG C 21 2.53 -15.50 3.57
C ARG C 21 3.49 -14.40 3.99
N GLN C 22 3.99 -14.47 5.22
CA GLN C 22 4.90 -13.43 5.71
C GLN C 22 6.25 -13.46 4.95
N ALA C 23 6.75 -14.66 4.69
CA ALA C 23 7.97 -14.80 3.90
C ALA C 23 7.80 -14.18 2.52
N VAL C 24 6.68 -14.45 1.87
CA VAL C 24 6.39 -13.82 0.59
C VAL C 24 6.34 -12.29 0.68
N GLU C 25 5.66 -11.74 1.68
CA GLU C 25 5.60 -10.28 1.78
C GLU C 25 6.98 -9.70 2.03
N GLU C 26 7.78 -10.35 2.88
CA GLU C 26 9.13 -9.84 3.15
C GLU C 26 9.98 -9.86 1.89
N LEU C 27 9.92 -10.96 1.14
CA LEU C 27 10.72 -11.11 -0.08
C LEU C 27 10.24 -10.16 -1.18
N LYS C 28 8.94 -9.92 -1.25
CA LYS C 28 8.44 -8.93 -2.21
C LYS C 28 9.06 -7.56 -2.01
N VAL C 29 9.05 -7.06 -0.78
CA VAL C 29 9.58 -5.72 -0.56
C VAL C 29 11.08 -5.69 -0.83
N LYS C 30 11.77 -6.77 -0.46
CA LYS C 30 13.21 -6.88 -0.74
C LYS C 30 13.49 -6.81 -2.25
N LEU C 31 12.82 -7.66 -3.02
CA LEU C 31 13.10 -7.74 -4.46
C LEU C 31 12.63 -6.53 -5.24
N LYS C 32 11.55 -5.91 -4.80
CA LYS C 32 11.11 -4.66 -5.44
C LYS C 32 12.12 -3.56 -5.22
N GLY C 33 12.94 -3.70 -4.19
CA GLY C 33 13.97 -2.71 -3.90
C GLY C 33 15.10 -2.65 -4.92
N ILE C 34 15.28 -3.73 -5.65
CA ILE C 34 16.32 -3.78 -6.67
C ILE C 34 16.04 -2.76 -7.76
N ARG C 35 14.80 -2.76 -8.26
CA ARG C 35 14.44 -1.82 -9.33
C ARG C 35 14.65 -0.40 -8.83
N THR C 36 14.19 -0.15 -7.61
CA THR C 36 14.35 1.17 -6.99
C THR C 36 15.81 1.61 -6.99
N LEU C 37 16.70 0.69 -6.67
CA LEU C 37 18.11 0.98 -6.59
C LEU C 37 18.66 1.46 -7.92
N TYR C 38 18.18 0.87 -9.01
CA TYR C 38 18.53 1.27 -10.37
C TYR C 38 18.07 2.60 -10.92
N GLU C 39 16.84 2.94 -10.59
CA GLU C 39 16.08 3.90 -11.35
C GLU C 39 16.09 5.25 -10.71
N TYR C 40 16.81 5.35 -9.61
CA TYR C 40 17.48 6.55 -9.21
C TYR C 40 18.61 6.80 -10.15
N GLU C 41 19.19 5.72 -10.64
CA GLU C 41 20.58 5.70 -11.09
C GLU C 41 21.09 6.56 -12.24
N ASP C 42 20.34 6.75 -13.31
CA ASP C 42 19.20 5.95 -13.62
C ASP C 42 19.58 5.33 -14.96
N ASP C 43 19.84 4.03 -14.93
CA ASP C 43 20.08 3.24 -16.12
C ASP C 43 19.01 2.14 -16.19
N HIS C 44 19.34 0.93 -16.64
CA HIS C 44 18.33 -0.07 -16.85
C HIS C 44 18.23 -1.07 -15.72
N SER C 45 17.07 -1.12 -15.12
CA SER C 45 16.80 -2.17 -14.12
C SER C 45 16.60 -3.54 -14.77
N PRO C 46 17.29 -4.58 -14.26
CA PRO C 46 17.07 -5.92 -14.79
C PRO C 46 15.74 -6.54 -14.34
N ILE C 47 15.04 -5.87 -13.45
CA ILE C 47 13.72 -6.31 -13.00
C ILE C 47 12.65 -5.27 -13.39
N GLU C 48 11.58 -5.73 -14.03
CA GLU C 48 10.46 -4.85 -14.36
C GLU C 48 9.40 -4.90 -13.28
N PHE C 49 8.97 -6.10 -12.88
CA PHE C 49 8.17 -6.19 -11.66
C PHE C 49 8.19 -7.56 -10.99
N VAL C 50 7.60 -7.59 -9.80
CA VAL C 50 7.67 -8.74 -8.91
C VAL C 50 6.28 -9.04 -8.38
N THR C 51 5.85 -10.28 -8.48
CA THR C 51 4.59 -10.69 -7.88
C THR C 51 4.86 -11.84 -6.94
N GLY C 52 3.93 -12.11 -6.03
CA GLY C 52 4.07 -13.24 -5.15
C GLY C 52 2.72 -13.74 -4.65
N ARG C 53 2.65 -15.03 -4.35
CA ARG C 53 1.39 -15.66 -3.99
C ARG C 53 1.66 -16.88 -3.12
N VAL C 54 0.79 -17.09 -2.14
CA VAL C 54 0.75 -18.36 -1.44
C VAL C 54 -0.37 -19.21 -2.02
N LYS C 55 -0.06 -20.46 -2.30
CA LYS C 55 -1.02 -21.37 -2.91
C LYS C 55 -2.23 -21.56 -1.99
N PRO C 56 -3.44 -21.43 -2.55
CA PRO C 56 -4.69 -21.63 -1.81
C PRO C 56 -4.80 -23.05 -1.25
N VAL C 57 -5.49 -23.21 -0.12
CA VAL C 57 -5.65 -24.52 0.52
C VAL C 57 -6.10 -25.60 -0.45
N ALA C 58 -7.08 -25.26 -1.28
CA ALA C 58 -7.62 -26.17 -2.28
C ALA C 58 -6.54 -26.70 -3.22
N SER C 59 -5.72 -25.80 -3.76
CA SER C 59 -4.73 -26.19 -4.76
C SER C 59 -3.57 -26.98 -4.16
N ILE C 60 -3.27 -26.76 -2.89
CA ILE C 60 -2.24 -27.54 -2.22
C ILE C 60 -2.65 -29.00 -2.10
N LEU C 61 -3.86 -29.20 -1.57
CA LEU C 61 -4.41 -30.55 -1.38
C LEU C 61 -4.48 -31.33 -2.69
N GLU C 62 -5.02 -30.68 -3.70
CA GLU C 62 -5.19 -31.27 -5.03
C GLU C 62 -3.87 -31.70 -5.65
N LYS C 63 -2.86 -30.84 -5.55
CA LYS C 63 -1.54 -31.18 -6.06
C LYS C 63 -0.93 -32.26 -5.18
N ALA C 64 -1.31 -32.25 -3.91
CA ALA C 64 -0.81 -33.25 -2.98
C ALA C 64 -1.36 -34.62 -3.37
N ARG C 65 -2.55 -34.65 -3.94
CA ARG C 65 -3.17 -35.93 -4.28
C ARG C 65 -2.84 -36.42 -5.70
N ARG C 66 -2.31 -35.56 -6.57
CA ARG C 66 -1.96 -36.01 -7.92
C ARG C 66 -0.49 -36.47 -8.02
N LYS C 67 0.37 -36.04 -7.10
CA LYS C 67 1.67 -36.69 -7.02
C LYS C 67 1.76 -37.37 -5.65
N SER C 68 0.62 -37.84 -5.17
CA SER C 68 0.51 -38.75 -4.03
C SER C 68 1.24 -38.30 -2.77
N ILE C 69 0.86 -37.15 -2.23
CA ILE C 69 1.56 -36.60 -1.07
C ILE C 69 0.65 -36.65 0.17
N PRO C 70 1.04 -37.48 1.15
CA PRO C 70 0.45 -37.55 2.50
C PRO C 70 0.48 -36.21 3.25
N LEU C 71 -0.63 -35.94 3.94
CA LEU C 71 -0.92 -34.65 4.56
C LEU C 71 0.10 -34.14 5.56
N HIS C 72 0.94 -35.06 6.06
CA HIS C 72 2.06 -34.72 6.93
C HIS C 72 3.31 -34.43 6.09
N GLU C 73 3.24 -34.61 4.77
CA GLU C 73 4.42 -34.33 3.95
C GLU C 73 4.24 -33.08 3.09
N ILE C 74 3.25 -32.24 3.40
CA ILE C 74 3.01 -31.05 2.58
C ILE C 74 4.13 -30.02 2.71
N GLU C 75 4.75 -29.94 3.88
CA GLU C 75 5.75 -28.91 4.12
C GLU C 75 6.99 -29.10 3.28
N THR C 76 7.07 -30.23 2.59
CA THR C 76 8.20 -30.52 1.72
C THR C 76 8.00 -29.89 0.35
N MET C 77 6.76 -29.54 0.06
CA MET C 77 6.39 -28.94 -1.21
C MET C 77 7.12 -27.62 -1.39
N GLN C 78 7.79 -27.44 -2.52
CA GLN C 78 8.68 -26.29 -2.71
C GLN C 78 7.94 -25.04 -3.15
N ASP C 79 6.67 -25.18 -3.52
CA ASP C 79 5.95 -24.07 -4.12
C ASP C 79 4.66 -23.69 -3.41
N ILE C 80 4.58 -23.98 -2.12
CA ILE C 80 3.48 -23.44 -1.35
C ILE C 80 3.56 -21.92 -1.42
N ALA C 81 4.78 -21.41 -1.21
CA ALA C 81 5.06 -19.98 -1.38
C ALA C 81 5.81 -19.78 -2.71
N GLY C 82 5.43 -18.77 -3.47
CA GLY C 82 6.11 -18.54 -4.75
C GLY C 82 6.24 -17.07 -5.10
N LEU C 83 7.33 -16.71 -5.77
CA LEU C 83 7.43 -15.37 -6.32
C LEU C 83 7.70 -15.46 -7.82
N ARG C 84 7.33 -14.42 -8.55
CA ARG C 84 7.66 -14.35 -9.97
C ARG C 84 8.32 -13.03 -10.26
N ILE C 85 9.46 -13.09 -10.93
CA ILE C 85 10.20 -11.88 -11.30
C ILE C 85 10.14 -11.75 -12.81
N MET C 86 9.64 -10.61 -13.29
CA MET C 86 9.49 -10.40 -14.72
C MET C 86 10.54 -9.44 -15.23
N CYS C 87 11.22 -9.79 -16.31
CA CYS C 87 12.29 -8.95 -16.88
C CYS C 87 11.96 -8.49 -18.30
N GLN C 88 12.49 -7.35 -18.72
CA GLN C 88 12.28 -6.89 -20.09
C GLN C 88 12.99 -7.74 -21.12
N PHE C 89 14.24 -8.08 -20.84
CA PHE C 89 15.09 -8.73 -21.84
C PHE C 89 15.56 -10.10 -21.36
N VAL C 90 15.74 -11.02 -22.30
CA VAL C 90 16.28 -12.34 -22.00
C VAL C 90 17.61 -12.23 -21.24
N ASP C 91 18.44 -11.25 -21.60
CA ASP C 91 19.75 -11.09 -20.93
C ASP C 91 19.62 -10.68 -19.47
N ASP C 92 18.50 -10.06 -19.12
CA ASP C 92 18.24 -9.68 -17.72
C ASP C 92 18.11 -10.89 -16.78
N ILE C 93 17.69 -12.03 -17.33
CA ILE C 93 17.40 -13.19 -16.48
C ILE C 93 18.65 -13.69 -15.74
N GLN C 94 19.75 -13.77 -16.47
CA GLN C 94 21.04 -14.18 -15.91
C GLN C 94 21.52 -13.16 -14.90
N ILE C 95 21.24 -11.88 -15.17
CA ILE C 95 21.65 -10.83 -14.24
C ILE C 95 20.88 -10.97 -12.94
N VAL C 96 19.58 -11.23 -13.03
CA VAL C 96 18.78 -11.42 -11.82
C VAL C 96 19.19 -12.68 -11.08
N LYS C 97 19.40 -13.76 -11.83
CA LYS C 97 19.86 -15.02 -11.25
C LYS C 97 21.11 -14.79 -10.41
N GLU C 98 22.09 -14.09 -10.98
CA GLU C 98 23.35 -13.86 -10.26
C GLU C 98 23.17 -12.98 -9.02
N MET C 99 22.28 -11.99 -9.10
CA MET C 99 21.96 -11.20 -7.92
C MET C 99 21.37 -12.04 -6.81
N LEU C 100 20.48 -12.95 -7.15
CA LEU C 100 19.84 -13.76 -6.11
C LEU C 100 20.85 -14.73 -5.46
N PHE C 101 21.75 -15.30 -6.26
CA PHE C 101 22.76 -16.21 -5.71
C PHE C 101 23.73 -15.47 -4.78
N ALA C 102 23.87 -14.17 -4.99
CA ALA C 102 24.78 -13.40 -4.16
C ALA C 102 24.15 -12.86 -2.85
N ARG C 103 22.83 -12.89 -2.72
CA ARG C 103 22.20 -12.30 -1.53
C ARG C 103 22.49 -13.12 -0.27
N LYS C 104 22.68 -12.42 0.84
CA LYS C 104 23.02 -13.08 2.08
C LYS C 104 21.86 -13.18 3.04
N ASP C 105 20.68 -12.72 2.63
CA ASP C 105 19.52 -12.82 3.52
C ASP C 105 18.68 -14.08 3.25
N PHE C 106 19.15 -14.94 2.36
CA PHE C 106 18.57 -16.28 2.23
C PHE C 106 19.62 -17.16 1.53
N THR C 107 19.27 -18.43 1.32
CA THR C 107 20.12 -19.35 0.56
C THR C 107 19.35 -20.01 -0.57
N VAL C 108 20.03 -20.16 -1.71
CA VAL C 108 19.50 -20.88 -2.85
C VAL C 108 19.78 -22.36 -2.66
N VAL C 109 18.75 -23.20 -2.71
CA VAL C 109 18.98 -24.61 -2.45
C VAL C 109 18.72 -25.48 -3.68
N ASP C 110 18.12 -24.89 -4.71
CA ASP C 110 17.82 -25.60 -5.96
C ASP C 110 17.58 -24.60 -7.10
N GLN C 111 17.67 -25.10 -8.34
CA GLN C 111 17.44 -24.30 -9.54
C GLN C 111 17.09 -25.21 -10.72
N ARG C 112 16.41 -24.67 -11.74
CA ARG C 112 16.16 -25.44 -12.95
C ARG C 112 15.90 -24.53 -14.16
N SER C 125 11.16 -20.17 -18.85
CA SER C 125 11.22 -19.68 -17.48
C SER C 125 12.39 -20.34 -16.74
N TYR C 126 13.09 -19.58 -15.92
CA TYR C 126 14.11 -20.14 -15.04
C TYR C 126 13.57 -20.24 -13.61
N HIS C 127 13.67 -21.38 -12.93
CA HIS C 127 13.22 -21.32 -11.54
C HIS C 127 14.32 -21.71 -10.59
N LEU C 128 14.26 -21.09 -9.42
CA LEU C 128 15.09 -21.51 -8.33
C LEU C 128 14.25 -21.59 -7.06
N VAL C 129 14.81 -22.21 -6.04
CA VAL C 129 14.13 -22.32 -4.76
C VAL C 129 15.05 -21.74 -3.69
N VAL C 130 14.52 -20.87 -2.83
CA VAL C 130 15.36 -20.37 -1.77
C VAL C 130 14.81 -20.83 -0.43
N LEU C 131 15.72 -20.91 0.55
CA LEU C 131 15.35 -21.20 1.93
C LEU C 131 15.45 -19.89 2.70
N TYR C 132 14.31 -19.39 3.16
CA TYR C 132 14.22 -18.08 3.79
C TYR C 132 14.13 -18.22 5.31
N PRO C 133 15.09 -17.63 6.05
CA PRO C 133 15.12 -17.75 7.51
C PRO C 133 14.16 -16.78 8.17
N LEU C 134 12.88 -17.14 8.17
CA LEU C 134 11.85 -16.28 8.72
C LEU C 134 11.92 -16.12 10.25
N GLN C 135 11.97 -14.87 10.72
CA GLN C 135 11.93 -14.62 12.16
C GLN C 135 10.47 -14.63 12.62
N THR C 136 10.13 -15.52 13.55
CA THR C 136 8.75 -15.61 14.05
C THR C 136 8.77 -15.25 15.54
N VAL C 137 7.62 -15.22 16.18
CA VAL C 137 7.59 -14.91 17.61
C VAL C 137 8.26 -16.01 18.44
N SER C 138 8.15 -17.25 17.98
CA SER C 138 8.69 -18.38 18.75
C SER C 138 10.09 -18.80 18.27
N GLY C 139 10.73 -17.95 17.47
CA GLY C 139 12.06 -18.22 16.97
C GLY C 139 12.13 -18.20 15.44
N GLU C 140 13.02 -19.01 14.88
CA GLU C 140 13.20 -19.04 13.43
C GLU C 140 12.42 -20.15 12.77
N LYS C 141 11.95 -19.88 11.55
CA LYS C 141 11.39 -20.95 10.74
C LYS C 141 11.96 -20.81 9.34
N HIS C 142 12.64 -21.82 8.85
CA HIS C 142 13.15 -21.75 7.47
C HIS C 142 12.05 -22.18 6.52
N VAL C 143 11.64 -21.30 5.62
CA VAL C 143 10.59 -21.68 4.70
C VAL C 143 11.09 -21.67 3.26
N LEU C 144 10.61 -22.66 2.52
CA LEU C 144 10.92 -22.80 1.11
C LEU C 144 10.04 -21.86 0.32
N VAL C 145 10.67 -21.15 -0.60
CA VAL C 145 9.96 -20.25 -1.50
C VAL C 145 10.49 -20.46 -2.93
N GLU C 146 9.60 -20.75 -3.87
CA GLU C 146 10.04 -20.88 -5.26
C GLU C 146 10.09 -19.50 -5.92
N ILE C 147 11.16 -19.22 -6.66
CA ILE C 147 11.27 -17.97 -7.43
C ILE C 147 11.42 -18.31 -8.91
N GLN C 148 10.47 -17.84 -9.72
CA GLN C 148 10.53 -18.03 -11.16
C GLN C 148 10.96 -16.72 -11.79
N ILE C 149 11.85 -16.79 -12.77
CA ILE C 149 12.29 -15.59 -13.46
C ILE C 149 11.91 -15.76 -14.93
N ARG C 150 11.22 -14.79 -15.49
CA ARG C 150 10.67 -14.86 -16.86
C ARG C 150 10.78 -13.53 -17.57
N THR C 151 10.88 -13.52 -18.89
CA THR C 151 10.69 -12.28 -19.62
C THR C 151 9.20 -11.93 -19.57
N LEU C 152 8.90 -10.66 -19.79
CA LEU C 152 7.52 -10.20 -19.87
C LEU C 152 6.77 -10.97 -20.94
N ALA C 153 7.37 -11.13 -22.10
CA ALA C 153 6.69 -11.79 -23.18
C ALA C 153 6.38 -13.25 -22.86
N MET C 154 7.33 -13.95 -22.26
CA MET C 154 7.06 -15.31 -21.80
C MET C 154 6.02 -15.40 -20.72
N ASN C 155 6.03 -14.47 -19.79
CA ASN C 155 5.04 -14.47 -18.73
C ASN C 155 3.67 -14.32 -19.31
N PHE C 156 3.53 -13.51 -20.35
CA PHE C 156 2.24 -13.33 -20.94
C PHE C 156 1.68 -14.60 -21.54
N TRP C 157 2.50 -15.32 -22.26
CA TRP C 157 2.09 -16.60 -22.84
C TRP C 157 1.81 -17.61 -21.75
N ALA C 158 2.69 -17.66 -20.77
CA ALA C 158 2.60 -18.66 -19.72
C ALA C 158 1.37 -18.49 -18.85
N THR C 159 0.97 -17.24 -18.62
CA THR C 159 -0.25 -16.98 -17.86
C THR C 159 -1.48 -17.52 -18.60
N ILE C 160 -1.51 -17.33 -19.92
CA ILE C 160 -2.65 -17.80 -20.71
C ILE C 160 -2.67 -19.34 -20.77
N GLU C 161 -1.51 -19.94 -20.99
CA GLU C 161 -1.44 -21.41 -20.99
C GLU C 161 -1.94 -21.97 -19.66
N HIS C 162 -1.53 -21.34 -18.58
CA HIS C 162 -1.92 -21.82 -17.25
C HIS C 162 -3.43 -21.74 -17.08
N SER C 163 -4.01 -20.60 -17.47
CA SER C 163 -5.45 -20.42 -17.39
C SER C 163 -6.20 -21.45 -18.24
N LEU C 164 -5.76 -21.66 -19.47
CA LEU C 164 -6.43 -22.63 -20.33
C LEU C 164 -6.30 -24.02 -19.75
N ASN C 165 -5.14 -24.31 -19.16
CA ASN C 165 -4.94 -25.62 -18.54
C ASN C 165 -5.93 -25.83 -17.41
N TYR C 166 -6.27 -24.74 -16.73
CA TYR C 166 -7.28 -24.79 -15.69
C TYR C 166 -8.68 -24.94 -16.28
N LYS C 167 -9.03 -24.08 -17.23
CA LYS C 167 -10.37 -24.11 -17.82
C LYS C 167 -10.71 -25.47 -18.42
N TYR C 168 -9.70 -26.12 -19.01
CA TYR C 168 -9.93 -27.40 -19.69
C TYR C 168 -9.43 -28.57 -18.85
N SER C 169 -9.22 -28.33 -17.57
CA SER C 169 -8.80 -29.36 -16.62
C SER C 169 -7.62 -30.20 -17.12
N GLY C 170 -6.64 -29.56 -17.76
CA GLY C 170 -5.40 -30.25 -18.13
C GLY C 170 -5.41 -30.94 -19.48
N ASN C 171 -6.50 -30.83 -20.22
CA ASN C 171 -6.62 -31.43 -21.55
C ASN C 171 -7.16 -30.39 -22.51
N ILE C 172 -6.26 -29.57 -23.03
CA ILE C 172 -6.64 -28.49 -23.92
C ILE C 172 -6.97 -29.06 -25.30
N PRO C 173 -8.11 -28.62 -25.87
CA PRO C 173 -8.57 -29.07 -27.19
C PRO C 173 -7.61 -28.66 -28.29
N GLU C 174 -7.58 -29.45 -29.36
CA GLU C 174 -6.56 -29.29 -30.38
C GLU C 174 -6.67 -27.97 -31.12
N LYS C 175 -7.87 -27.41 -31.27
CA LYS C 175 -8.03 -26.14 -31.99
C LYS C 175 -7.56 -24.95 -31.12
N VAL C 176 -7.59 -25.10 -29.79
CA VAL C 176 -7.06 -24.07 -28.88
C VAL C 176 -5.53 -24.21 -28.68
N LYS C 177 -5.05 -25.45 -28.57
CA LYS C 177 -3.61 -25.75 -28.39
C LYS C 177 -2.72 -25.29 -29.56
N LEU C 178 -3.25 -25.38 -30.78
CA LEU C 178 -2.60 -24.85 -31.99
C LEU C 178 -2.43 -23.36 -31.86
N ARG C 179 -3.49 -22.67 -31.47
CA ARG C 179 -3.42 -21.23 -31.32
C ARG C 179 -2.50 -20.81 -30.18
N LEU C 180 -2.48 -21.61 -29.11
CA LEU C 180 -1.56 -21.35 -28.02
C LEU C 180 -0.09 -21.51 -28.48
N GLN C 181 0.15 -22.50 -29.33
CA GLN C 181 1.50 -22.71 -29.89
C GLN C 181 1.91 -21.55 -30.78
N ARG C 182 0.98 -21.03 -31.56
CA ARG C 182 1.19 -19.88 -32.40
C ARG C 182 1.52 -18.63 -31.58
N ALA C 183 0.82 -18.47 -30.45
CA ALA C 183 1.07 -17.36 -29.53
C ALA C 183 2.45 -17.51 -28.92
N SER C 184 2.84 -18.74 -28.65
CA SER C 184 4.15 -19.00 -28.06
C SER C 184 5.27 -18.60 -29.01
N GLU C 185 5.07 -18.87 -30.29
CA GLU C 185 6.05 -18.50 -31.31
C GLU C 185 6.13 -16.99 -31.48
N ALA C 186 4.97 -16.33 -31.47
CA ALA C 186 4.94 -14.88 -31.57
C ALA C 186 5.66 -14.24 -30.38
N ALA C 187 5.45 -14.78 -29.18
CA ALA C 187 6.15 -14.26 -28.00
C ALA C 187 7.66 -14.45 -28.17
N SER C 188 8.04 -15.60 -28.70
CA SER C 188 9.46 -15.86 -28.96
C SER C 188 10.05 -14.85 -29.94
N ARG C 189 9.32 -14.53 -31.02
CA ARG C 189 9.81 -13.56 -32.01
C ARG C 189 9.94 -12.18 -31.39
N LEU C 190 9.00 -11.83 -30.54
CA LEU C 190 9.09 -10.53 -29.85
C LEU C 190 10.33 -10.47 -28.95
N ASP C 191 10.57 -11.50 -28.14
CA ASP C 191 11.77 -11.49 -27.30
C ASP C 191 13.05 -11.40 -28.13
N GLU C 192 13.06 -12.08 -29.26
CA GLU C 192 14.22 -12.02 -30.15
C GLU C 192 14.50 -10.63 -30.69
N GLU C 193 13.47 -9.91 -31.13
CA GLU C 193 13.66 -8.53 -31.60
C GLU C 193 14.13 -7.62 -30.45
N MET C 194 13.57 -7.82 -29.27
CA MET C 194 13.97 -7.01 -28.12
C MET C 194 15.44 -7.26 -27.81
N SER C 195 15.84 -8.53 -27.89
CA SER C 195 17.23 -8.91 -27.62
C SER C 195 18.17 -8.25 -28.63
N GLU C 196 17.73 -8.19 -29.88
CA GLU C 196 18.55 -7.55 -30.94
C GLU C 196 18.63 -6.04 -30.67
N ILE C 197 17.53 -5.43 -30.23
CA ILE C 197 17.56 -4.02 -29.85
C ILE C 197 18.57 -3.79 -28.75
N ARG C 198 18.52 -4.61 -27.71
CA ARG C 198 19.44 -4.48 -26.59
C ARG C 198 20.89 -4.69 -27.06
N GLY C 199 21.11 -5.67 -27.95
CA GLY C 199 22.47 -5.94 -28.41
C GLY C 199 23.07 -4.78 -29.17
N GLU C 200 22.25 -4.06 -29.92
CA GLU C 200 22.73 -2.91 -30.70
C GLU C 200 23.08 -1.73 -29.80
N VAL C 201 22.22 -1.47 -28.82
CA VAL C 201 22.46 -0.39 -27.86
C VAL C 201 23.76 -0.55 -27.05
N GLN C 202 23.99 -1.75 -26.51
CA GLN C 202 25.15 -1.98 -25.65
C GLN C 202 26.51 -1.83 -26.31
N GLU C 203 26.59 -2.08 -27.61
CA GLU C 203 27.84 -1.80 -28.31
C GLU C 203 27.88 -0.31 -28.63
N ALA C 204 27.83 0.51 -27.59
CA ALA C 204 27.77 1.96 -27.72
C ALA C 204 29.17 2.57 -27.86
N ASP D 10 -22.12 -19.26 1.40
CA ASP D 10 -21.09 -18.42 2.02
C ASP D 10 -20.27 -17.64 0.99
N ASP D 11 -20.27 -18.10 -0.26
CA ASP D 11 -19.68 -17.31 -1.33
C ASP D 11 -20.71 -16.23 -1.71
N LYS D 12 -21.97 -16.45 -1.38
CA LYS D 12 -22.96 -15.37 -1.56
C LYS D 12 -22.63 -14.22 -0.61
N TRP D 13 -22.05 -14.55 0.53
CA TRP D 13 -21.68 -13.54 1.50
C TRP D 13 -20.60 -12.62 0.96
N GLU D 14 -19.54 -13.21 0.42
CA GLU D 14 -18.42 -12.42 -0.04
C GLU D 14 -18.75 -11.65 -1.33
N ARG D 15 -19.70 -12.15 -2.12
CA ARG D 15 -20.17 -11.37 -3.26
C ARG D 15 -21.03 -10.22 -2.77
N PHE D 16 -21.74 -10.46 -1.67
CA PHE D 16 -22.55 -9.44 -1.05
C PHE D 16 -21.69 -8.31 -0.46
N LEU D 17 -20.51 -8.67 0.06
CA LEU D 17 -19.67 -7.71 0.77
C LEU D 17 -18.71 -6.96 -0.13
N VAL D 18 -18.53 -7.43 -1.36
CA VAL D 18 -17.63 -6.80 -2.32
C VAL D 18 -17.87 -5.29 -2.48
N PRO D 19 -19.13 -4.86 -2.71
CA PRO D 19 -19.30 -3.40 -2.87
C PRO D 19 -18.95 -2.63 -1.60
N TYR D 20 -19.22 -3.24 -0.45
CA TYR D 20 -18.94 -2.59 0.82
C TYR D 20 -17.43 -2.42 1.01
N ARG D 21 -16.68 -3.44 0.65
CA ARG D 21 -15.22 -3.38 0.73
C ARG D 21 -14.67 -2.28 -0.19
N GLN D 22 -15.21 -2.21 -1.39
CA GLN D 22 -14.73 -1.23 -2.37
C GLN D 22 -15.09 0.18 -1.91
N ALA D 23 -16.28 0.36 -1.35
CA ALA D 23 -16.67 1.67 -0.84
C ALA D 23 -15.70 2.12 0.25
N VAL D 24 -15.38 1.22 1.17
CA VAL D 24 -14.41 1.54 2.22
C VAL D 24 -13.05 1.92 1.63
N GLU D 25 -12.54 1.16 0.66
CA GLU D 25 -11.22 1.47 0.09
C GLU D 25 -11.20 2.82 -0.62
N GLU D 26 -12.28 3.15 -1.33
CA GLU D 26 -12.34 4.43 -2.02
C GLU D 26 -12.41 5.59 -1.02
N LEU D 27 -13.24 5.44 0.00
CA LEU D 27 -13.38 6.49 1.03
C LEU D 27 -12.10 6.65 1.86
N LYS D 28 -11.37 5.56 2.11
CA LYS D 28 -10.08 5.66 2.80
C LYS D 28 -9.12 6.57 2.06
N VAL D 29 -8.98 6.37 0.75
CA VAL D 29 -8.04 7.18 0.01
C VAL D 29 -8.50 8.62 -0.04
N LYS D 30 -9.81 8.82 -0.19
CA LYS D 30 -10.37 10.16 -0.18
C LYS D 30 -10.08 10.89 1.15
N LEU D 31 -10.44 10.26 2.25
CA LEU D 31 -10.28 10.92 3.54
C LEU D 31 -8.82 11.11 3.94
N LYS D 32 -7.96 10.16 3.55
CA LYS D 32 -6.53 10.32 3.81
C LYS D 32 -5.95 11.47 3.00
N GLY D 33 -6.62 11.87 1.93
CA GLY D 33 -6.18 13.00 1.13
C GLY D 33 -6.32 14.32 1.87
N ILE D 34 -7.21 14.38 2.84
CA ILE D 34 -7.41 15.61 3.59
C ILE D 34 -6.13 16.02 4.32
N ARG D 35 -5.52 15.08 5.01
CA ARG D 35 -4.30 15.39 5.77
C ARG D 35 -3.21 15.86 4.82
N THR D 36 -3.07 15.14 3.72
CA THR D 36 -2.08 15.47 2.70
C THR D 36 -2.27 16.90 2.24
N LEU D 37 -3.52 17.26 1.95
CA LEU D 37 -3.88 18.60 1.52
C LEU D 37 -3.37 19.69 2.49
N TYR D 38 -3.27 19.31 3.76
CA TYR D 38 -2.92 20.24 4.82
C TYR D 38 -1.45 20.38 5.06
N GLU D 39 -0.66 19.38 4.72
CA GLU D 39 0.76 19.48 4.97
C GLU D 39 1.42 20.16 3.77
N ASP D 42 3.57 23.80 7.64
CA ASP D 42 2.63 24.07 6.57
C ASP D 42 1.29 24.43 7.21
N ASP D 43 0.64 23.47 7.86
CA ASP D 43 -0.54 23.73 8.68
C ASP D 43 -0.88 22.53 9.56
N HIS D 44 -1.77 22.73 10.54
CA HIS D 44 -2.27 21.63 11.34
C HIS D 44 -3.41 20.95 10.63
N SER D 45 -3.22 19.68 10.39
CA SER D 45 -4.26 18.82 9.86
C SER D 45 -5.26 18.44 10.96
N PRO D 46 -6.56 18.59 10.68
CA PRO D 46 -7.60 18.20 11.65
C PRO D 46 -7.76 16.69 11.71
N ILE D 47 -7.07 15.98 10.82
CA ILE D 47 -7.12 14.52 10.82
C ILE D 47 -5.75 13.93 11.05
N GLU D 48 -5.65 13.02 12.02
CA GLU D 48 -4.37 12.37 12.29
C GLU D 48 -4.24 11.07 11.50
N PHE D 49 -5.23 10.19 11.58
CA PHE D 49 -5.27 9.09 10.63
C PHE D 49 -6.68 8.52 10.43
N VAL D 50 -6.77 7.62 9.45
CA VAL D 50 -8.04 7.08 8.98
C VAL D 50 -7.93 5.56 8.87
N THR D 51 -8.89 4.85 9.43
CA THR D 51 -8.98 3.41 9.22
C THR D 51 -10.35 3.07 8.70
N GLY D 52 -10.48 1.86 8.15
CA GLY D 52 -11.76 1.40 7.64
C GLY D 52 -11.85 -0.10 7.76
N ARG D 53 -13.08 -0.58 7.87
CA ARG D 53 -13.33 -1.98 8.18
C ARG D 53 -14.69 -2.37 7.60
N VAL D 54 -14.77 -3.55 6.99
CA VAL D 54 -16.07 -4.17 6.71
C VAL D 54 -16.32 -5.21 7.81
N LYS D 55 -17.52 -5.21 8.36
CA LYS D 55 -17.86 -6.13 9.45
C LYS D 55 -17.79 -7.59 9.01
N PRO D 56 -17.16 -8.45 9.83
CA PRO D 56 -17.09 -9.89 9.54
C PRO D 56 -18.49 -10.52 9.43
N VAL D 57 -18.64 -11.55 8.61
CA VAL D 57 -19.93 -12.21 8.42
C VAL D 57 -20.59 -12.59 9.75
N ALA D 58 -19.78 -13.16 10.64
CA ALA D 58 -20.24 -13.52 11.97
C ALA D 58 -20.85 -12.34 12.71
N SER D 59 -20.14 -11.21 12.69
CA SER D 59 -20.56 -10.06 13.47
C SER D 59 -21.81 -9.38 12.90
N ILE D 60 -21.97 -9.44 11.57
CA ILE D 60 -23.18 -8.92 10.94
C ILE D 60 -24.37 -9.77 11.36
N LEU D 61 -24.22 -11.07 11.17
CA LEU D 61 -25.26 -12.02 11.53
C LEU D 61 -25.63 -11.92 13.00
N GLU D 62 -24.64 -11.91 13.88
CA GLU D 62 -24.97 -11.87 15.30
C GLU D 62 -25.76 -10.59 15.55
N LYS D 63 -25.26 -9.46 15.08
CA LYS D 63 -25.99 -8.19 15.23
C LYS D 63 -27.29 -8.23 14.40
N ALA D 64 -27.36 -9.10 13.39
CA ALA D 64 -28.51 -9.16 12.48
C ALA D 64 -29.84 -9.46 13.16
N ARG D 65 -29.88 -10.20 14.28
CA ARG D 65 -31.01 -9.98 15.21
C ARG D 65 -30.84 -10.58 16.61
N ARG D 66 -29.85 -10.00 17.27
CA ARG D 66 -29.92 -9.80 18.69
C ARG D 66 -30.57 -8.41 18.68
N LYS D 67 -30.54 -7.81 17.50
CA LYS D 67 -31.21 -6.54 17.20
C LYS D 67 -32.37 -6.55 16.13
N SER D 68 -33.10 -7.66 16.04
CA SER D 68 -34.35 -7.76 15.25
C SER D 68 -34.35 -7.33 13.77
N ILE D 69 -33.40 -7.83 12.98
CA ILE D 69 -33.32 -7.57 11.53
C ILE D 69 -33.40 -8.87 10.71
N PRO D 70 -34.44 -9.02 9.89
CA PRO D 70 -34.48 -10.11 8.90
C PRO D 70 -33.34 -10.08 7.88
N LEU D 71 -32.71 -11.22 7.57
CA LEU D 71 -31.61 -11.24 6.59
C LEU D 71 -32.10 -10.82 5.21
N HIS D 72 -33.41 -10.69 5.07
CA HIS D 72 -33.98 -10.21 3.84
C HIS D 72 -33.58 -8.75 3.69
N GLU D 73 -33.58 -8.04 4.81
CA GLU D 73 -33.21 -6.62 4.81
C GLU D 73 -31.93 -6.27 5.59
N ILE D 74 -30.88 -7.02 5.33
CA ILE D 74 -29.58 -6.78 5.94
C ILE D 74 -28.98 -5.45 5.53
N GLU D 75 -29.28 -5.03 4.31
CA GLU D 75 -28.66 -3.84 3.74
C GLU D 75 -29.11 -2.53 4.38
N THR D 76 -30.07 -2.59 5.29
CA THR D 76 -30.52 -1.38 5.96
C THR D 76 -29.55 -1.08 7.10
N MET D 77 -28.73 -2.08 7.44
CA MET D 77 -27.71 -1.92 8.48
C MET D 77 -26.73 -0.84 8.09
N GLN D 78 -26.50 0.09 9.00
CA GLN D 78 -25.75 1.29 8.69
C GLN D 78 -24.26 1.12 8.77
N ASP D 79 -23.81 0.05 9.41
CA ASP D 79 -22.38 -0.10 9.70
C ASP D 79 -21.75 -1.40 9.21
N ILE D 80 -22.28 -1.98 8.15
CA ILE D 80 -21.57 -3.09 7.51
C ILE D 80 -20.21 -2.57 7.03
N ALA D 81 -20.24 -1.40 6.42
CA ALA D 81 -19.03 -0.67 6.06
C ALA D 81 -18.83 0.41 7.12
N GLY D 82 -17.60 0.57 7.59
CA GLY D 82 -17.32 1.56 8.61
C GLY D 82 -15.98 2.22 8.41
N LEU D 83 -15.90 3.52 8.70
CA LEU D 83 -14.61 4.21 8.71
C LEU D 83 -14.43 4.86 10.06
N ARG D 84 -13.18 5.08 10.45
CA ARG D 84 -12.91 5.81 11.67
C ARG D 84 -11.89 6.89 11.38
N ILE D 85 -12.20 8.10 11.79
CA ILE D 85 -11.33 9.24 11.58
C ILE D 85 -10.82 9.68 12.95
N MET D 86 -9.50 9.68 13.12
CA MET D 86 -8.89 10.05 14.39
C MET D 86 -8.25 11.42 14.33
N CYS D 87 -8.56 12.25 15.33
CA CYS D 87 -8.10 13.64 15.42
C CYS D 87 -7.28 13.88 16.68
N GLN D 88 -6.34 14.81 16.62
CA GLN D 88 -5.54 15.15 17.80
C GLN D 88 -6.36 15.85 18.85
N PHE D 89 -7.18 16.81 18.42
CA PHE D 89 -7.92 17.67 19.36
C PHE D 89 -9.43 17.56 19.24
N VAL D 90 -10.13 17.75 20.35
CA VAL D 90 -11.58 17.74 20.35
C VAL D 90 -12.13 18.75 19.36
N ASP D 91 -11.49 19.92 19.25
CA ASP D 91 -11.96 20.95 18.34
C ASP D 91 -11.82 20.53 16.86
N ASP D 92 -10.91 19.60 16.57
CA ASP D 92 -10.77 19.10 15.20
C ASP D 92 -12.02 18.35 14.71
N ILE D 93 -12.75 17.74 15.64
CA ILE D 93 -13.88 16.87 15.27
C ILE D 93 -14.95 17.69 14.56
N GLN D 94 -15.20 18.88 15.08
CA GLN D 94 -16.15 19.79 14.48
C GLN D 94 -15.68 20.22 13.10
N ILE D 95 -14.37 20.42 12.95
CA ILE D 95 -13.82 20.82 11.65
C ILE D 95 -14.01 19.71 10.62
N VAL D 96 -13.75 18.48 11.03
CA VAL D 96 -13.88 17.35 10.11
C VAL D 96 -15.35 17.14 9.77
N LYS D 97 -16.21 17.24 10.78
CA LYS D 97 -17.65 17.11 10.57
C LYS D 97 -18.12 18.08 9.49
N GLU D 98 -17.73 19.35 9.61
CA GLU D 98 -18.12 20.37 8.65
C GLU D 98 -17.54 20.09 7.27
N MET D 99 -16.30 19.57 7.21
CA MET D 99 -15.72 19.18 5.93
C MET D 99 -16.52 18.06 5.26
N LEU D 100 -16.94 17.08 6.05
CA LEU D 100 -17.65 15.94 5.49
C LEU D 100 -19.04 16.36 4.99
N PHE D 101 -19.72 17.24 5.72
CA PHE D 101 -21.05 17.72 5.30
C PHE D 101 -20.96 18.50 4.00
N ALA D 102 -19.80 19.09 3.73
CA ALA D 102 -19.63 19.89 2.51
C ALA D 102 -19.23 19.09 1.28
N ARG D 103 -18.82 17.82 1.44
CA ARG D 103 -18.37 17.03 0.29
C ARG D 103 -19.51 16.65 -0.65
N LYS D 104 -19.23 16.62 -1.95
CA LYS D 104 -20.27 16.30 -2.92
C LYS D 104 -20.16 14.90 -3.51
N ASP D 105 -19.20 14.10 -3.04
CA ASP D 105 -19.03 12.74 -3.57
C ASP D 105 -19.76 11.67 -2.77
N PHE D 106 -20.58 12.13 -1.83
CA PHE D 106 -21.55 11.28 -1.17
C PHE D 106 -22.59 12.19 -0.55
N THR D 107 -23.62 11.62 0.08
CA THR D 107 -24.57 12.43 0.84
C THR D 107 -24.71 11.93 2.28
N VAL D 108 -24.82 12.85 3.24
CA VAL D 108 -25.00 12.48 4.65
C VAL D 108 -26.47 12.16 4.95
N VAL D 109 -26.73 10.99 5.51
CA VAL D 109 -28.13 10.58 5.74
C VAL D 109 -28.53 10.43 7.21
N ASP D 110 -27.56 10.43 8.10
CA ASP D 110 -27.85 10.32 9.53
C ASP D 110 -26.62 10.73 10.33
N GLN D 111 -26.82 11.04 11.60
CA GLN D 111 -25.71 11.38 12.49
C GLN D 111 -26.14 11.19 13.95
N ARG D 112 -25.16 10.96 14.83
CA ARG D 112 -25.43 10.86 16.27
C ARG D 112 -24.16 11.30 17.05
N ASP D 113 -24.36 12.12 18.07
CA ASP D 113 -23.27 12.83 18.74
C ASP D 113 -23.05 12.46 20.21
N TYR D 114 -22.08 11.57 20.47
CA TYR D 114 -21.56 11.30 21.84
C TYR D 114 -20.37 12.10 22.28
N ILE D 115 -20.14 13.20 21.59
CA ILE D 115 -19.13 14.05 22.11
C ILE D 115 -19.84 14.87 23.19
N ALA D 116 -21.04 15.35 22.86
CA ALA D 116 -21.89 16.09 23.77
C ALA D 116 -22.26 15.27 24.99
N SER D 121 -21.32 4.43 29.84
CA SER D 121 -20.14 3.59 29.74
C SER D 121 -18.85 4.41 29.80
N GLY D 122 -18.91 5.62 29.26
CA GLY D 122 -17.76 6.51 29.14
C GLY D 122 -17.37 6.65 27.68
N TYR D 123 -18.19 6.07 26.81
CA TYR D 123 -17.97 6.10 25.38
C TYR D 123 -18.12 7.50 24.79
N ARG D 124 -17.09 7.96 24.09
CA ARG D 124 -17.16 9.22 23.35
C ARG D 124 -16.81 8.98 21.89
N SER D 125 -17.68 9.48 21.01
CA SER D 125 -17.48 9.39 19.57
C SER D 125 -18.58 10.17 18.85
N TYR D 126 -18.25 10.80 17.73
CA TYR D 126 -19.27 11.37 16.87
C TYR D 126 -19.50 10.44 15.70
N HIS D 127 -20.75 10.16 15.38
CA HIS D 127 -21.06 9.25 14.27
C HIS D 127 -21.80 10.01 13.17
N LEU D 128 -21.47 9.71 11.93
CA LEU D 128 -22.38 10.07 10.86
C LEU D 128 -22.46 8.90 9.89
N VAL D 129 -23.53 8.88 9.11
CA VAL D 129 -23.73 7.82 8.15
C VAL D 129 -23.89 8.47 6.77
N VAL D 130 -23.13 8.00 5.80
CA VAL D 130 -23.26 8.54 4.45
C VAL D 130 -23.75 7.48 3.50
N LEU D 131 -24.35 7.94 2.40
CA LEU D 131 -24.73 7.08 1.30
C LEU D 131 -23.75 7.32 0.16
N TYR D 132 -22.95 6.29 -0.14
CA TYR D 132 -21.86 6.39 -1.11
C TYR D 132 -22.28 5.77 -2.44
N PRO D 133 -22.27 6.57 -3.53
CA PRO D 133 -22.73 6.11 -4.85
C PRO D 133 -21.64 5.31 -5.58
N LEU D 134 -21.49 4.05 -5.22
CA LEU D 134 -20.46 3.20 -5.80
C LEU D 134 -20.71 2.91 -7.29
N GLN D 135 -19.72 3.17 -8.15
CA GLN D 135 -19.83 2.82 -9.56
C GLN D 135 -19.40 1.37 -9.72
N THR D 136 -20.30 0.54 -10.21
CA THR D 136 -20.01 -0.88 -10.38
C THR D 136 -20.06 -1.20 -11.86
N VAL D 137 -19.77 -2.45 -12.20
CA VAL D 137 -19.83 -2.87 -13.59
C VAL D 137 -21.29 -2.84 -14.09
N SER D 138 -22.23 -3.05 -13.17
CA SER D 138 -23.64 -3.11 -13.54
C SER D 138 -24.35 -1.78 -13.35
N GLY D 139 -23.58 -0.72 -13.10
CA GLY D 139 -24.18 0.58 -12.89
C GLY D 139 -23.79 1.12 -11.53
N GLU D 140 -24.71 1.84 -10.89
CA GLU D 140 -24.49 2.40 -9.57
C GLU D 140 -25.07 1.55 -8.45
N LYS D 141 -24.38 1.53 -7.32
CA LYS D 141 -24.94 0.95 -6.11
C LYS D 141 -24.70 1.91 -4.97
N HIS D 142 -25.78 2.37 -4.35
CA HIS D 142 -25.64 3.25 -3.20
C HIS D 142 -25.46 2.44 -1.92
N VAL D 143 -24.34 2.62 -1.25
CA VAL D 143 -24.13 1.87 -0.03
C VAL D 143 -23.97 2.80 1.16
N LEU D 144 -24.52 2.34 2.28
CA LEU D 144 -24.41 3.02 3.55
C LEU D 144 -23.05 2.76 4.15
N VAL D 145 -22.40 3.83 4.59
CA VAL D 145 -21.09 3.73 5.25
C VAL D 145 -21.13 4.59 6.51
N GLU D 146 -20.83 3.98 7.64
CA GLU D 146 -20.76 4.73 8.90
C GLU D 146 -19.37 5.35 9.06
N ILE D 147 -19.34 6.64 9.40
CA ILE D 147 -18.07 7.31 9.65
C ILE D 147 -18.08 7.83 11.08
N GLN D 148 -17.14 7.34 11.89
CA GLN D 148 -17.01 7.84 13.26
C GLN D 148 -15.82 8.78 13.33
N ILE D 149 -15.99 9.84 14.10
CA ILE D 149 -14.89 10.79 14.30
C ILE D 149 -14.58 10.80 15.80
N ARG D 150 -13.31 10.60 16.15
CA ARG D 150 -12.89 10.42 17.54
C ARG D 150 -11.58 11.11 17.80
N THR D 151 -11.30 11.56 19.03
CA THR D 151 -9.91 11.91 19.32
C THR D 151 -9.11 10.63 19.46
N LEU D 152 -7.79 10.75 19.36
CA LEU D 152 -6.89 9.63 19.56
C LEU D 152 -7.17 8.97 20.92
N ALA D 153 -7.33 9.79 21.95
CA ALA D 153 -7.51 9.27 23.31
C ALA D 153 -8.87 8.55 23.46
N MET D 154 -9.92 9.14 22.90
CA MET D 154 -11.22 8.47 22.77
C MET D 154 -11.10 7.14 22.02
N ASN D 155 -10.36 7.14 20.92
CA ASN D 155 -10.26 5.94 20.09
C ASN D 155 -9.56 4.81 20.83
N PHE D 156 -8.53 5.19 21.59
CA PHE D 156 -7.80 4.23 22.43
C PHE D 156 -8.74 3.52 23.39
N TRP D 157 -9.48 4.31 24.15
CA TRP D 157 -10.44 3.77 25.12
C TRP D 157 -11.50 2.88 24.44
N ALA D 158 -12.09 3.37 23.36
CA ALA D 158 -13.13 2.61 22.65
C ALA D 158 -12.57 1.30 22.06
N THR D 159 -11.32 1.32 21.62
CA THR D 159 -10.70 0.12 21.07
C THR D 159 -10.61 -0.94 22.15
N ILE D 160 -10.25 -0.49 23.35
CA ILE D 160 -10.14 -1.40 24.45
C ILE D 160 -11.48 -1.97 24.88
N GLU D 161 -12.49 -1.11 25.02
CA GLU D 161 -13.81 -1.58 25.42
C GLU D 161 -14.35 -2.60 24.41
N HIS D 162 -14.11 -2.33 23.13
CA HIS D 162 -14.61 -3.23 22.10
C HIS D 162 -13.96 -4.59 22.22
N SER D 163 -12.64 -4.60 22.46
CA SER D 163 -11.91 -5.84 22.66
C SER D 163 -12.44 -6.60 23.87
N LEU D 164 -12.68 -5.87 24.96
CA LEU D 164 -13.22 -6.49 26.19
C LEU D 164 -14.65 -7.01 26.00
N ASN D 165 -15.44 -6.26 25.23
CA ASN D 165 -16.81 -6.69 24.94
C ASN D 165 -16.82 -7.97 24.12
N TYR D 166 -15.80 -8.12 23.28
CA TYR D 166 -15.62 -9.37 22.53
C TYR D 166 -15.17 -10.50 23.45
N LYS D 167 -14.17 -10.24 24.28
CA LYS D 167 -13.65 -11.24 25.22
C LYS D 167 -14.72 -11.79 26.14
N TYR D 168 -15.61 -10.92 26.59
CA TYR D 168 -16.62 -11.27 27.58
C TYR D 168 -18.01 -11.42 26.96
N SER D 169 -18.05 -11.62 25.64
CA SER D 169 -19.31 -11.83 24.90
C SER D 169 -20.39 -10.79 25.21
N GLY D 170 -19.99 -9.53 25.30
CA GLY D 170 -20.95 -8.44 25.41
C GLY D 170 -21.41 -8.01 26.80
N ASN D 171 -20.91 -8.67 27.84
CA ASN D 171 -21.17 -8.17 29.19
C ASN D 171 -19.89 -8.24 30.04
N ILE D 172 -19.23 -7.10 30.13
CA ILE D 172 -17.98 -6.98 30.86
C ILE D 172 -18.31 -7.13 32.35
N PRO D 173 -17.55 -7.94 33.09
CA PRO D 173 -17.88 -8.00 34.52
C PRO D 173 -17.64 -6.64 35.18
N GLU D 174 -18.39 -6.28 36.22
CA GLU D 174 -18.27 -4.91 36.74
C GLU D 174 -16.94 -4.54 37.37
N LYS D 175 -16.19 -5.48 37.94
CA LYS D 175 -14.92 -5.07 38.52
C LYS D 175 -13.98 -4.61 37.41
N VAL D 176 -14.17 -5.13 36.21
CA VAL D 176 -13.43 -4.66 35.03
C VAL D 176 -14.13 -3.42 34.45
N LYS D 177 -15.46 -3.43 34.43
CA LYS D 177 -16.23 -2.31 33.87
C LYS D 177 -16.02 -0.99 34.65
N LEU D 178 -15.88 -1.10 35.97
CA LEU D 178 -15.61 0.07 36.81
C LEU D 178 -14.30 0.77 36.39
N ARG D 179 -13.25 -0.02 36.17
CA ARG D 179 -11.94 0.52 35.80
C ARG D 179 -11.96 1.15 34.42
N LEU D 180 -12.74 0.53 33.54
CA LEU D 180 -12.94 1.00 32.17
C LEU D 180 -13.58 2.38 32.22
N GLN D 181 -14.49 2.60 33.17
CA GLN D 181 -15.07 3.92 33.38
C GLN D 181 -14.05 4.92 33.93
N ARG D 182 -13.21 4.49 34.89
CA ARG D 182 -12.14 5.35 35.38
C ARG D 182 -11.23 5.66 34.17
N ALA D 183 -10.99 4.68 33.30
CA ALA D 183 -10.10 4.96 32.14
C ALA D 183 -10.69 5.98 31.17
N SER D 184 -12.01 5.93 30.98
CA SER D 184 -12.68 6.88 30.09
C SER D 184 -12.53 8.28 30.66
N GLU D 185 -12.63 8.38 31.98
CA GLU D 185 -12.42 9.66 32.63
C GLU D 185 -10.97 10.17 32.50
N ALA D 186 -10.00 9.27 32.60
CA ALA D 186 -8.59 9.66 32.39
C ALA D 186 -8.31 10.16 30.96
N ALA D 187 -8.88 9.50 29.97
CA ALA D 187 -8.72 9.93 28.59
C ALA D 187 -9.34 11.33 28.40
N SER D 188 -10.53 11.52 28.96
CA SER D 188 -11.23 12.79 28.86
C SER D 188 -10.40 13.94 29.42
N ARG D 189 -9.73 13.69 30.54
CA ARG D 189 -8.87 14.71 31.15
C ARG D 189 -7.64 15.05 30.30
N LEU D 190 -7.08 14.04 29.63
CA LEU D 190 -5.97 14.29 28.72
C LEU D 190 -6.44 15.19 27.56
N ASP D 191 -7.61 14.88 27.02
CA ASP D 191 -8.17 15.68 25.93
C ASP D 191 -8.44 17.12 26.37
N GLU D 192 -8.91 17.29 27.62
CA GLU D 192 -9.16 18.64 28.14
C GLU D 192 -7.90 19.48 28.20
N GLU D 193 -6.77 18.93 28.68
CA GLU D 193 -5.54 19.70 28.68
C GLU D 193 -5.03 20.01 27.28
N MET D 194 -5.17 19.07 26.36
CA MET D 194 -4.78 19.31 24.98
C MET D 194 -5.62 20.43 24.36
N SER D 195 -6.93 20.40 24.66
CA SER D 195 -7.83 21.44 24.15
C SER D 195 -7.43 22.83 24.64
N GLU D 196 -7.03 22.90 25.92
CA GLU D 196 -6.58 24.17 26.46
C GLU D 196 -5.28 24.61 25.77
N ILE D 197 -4.38 23.66 25.50
CA ILE D 197 -3.17 23.97 24.74
C ILE D 197 -3.50 24.55 23.34
N ARG D 198 -4.42 23.89 22.63
CA ARG D 198 -4.80 24.34 21.30
C ARG D 198 -5.44 25.72 21.43
N GLY D 199 -6.32 25.83 22.43
CA GLY D 199 -7.08 27.04 22.68
C GLY D 199 -6.17 28.20 23.00
N GLU D 200 -5.04 27.91 23.62
CA GLU D 200 -4.06 28.95 23.95
C GLU D 200 -3.16 29.39 22.79
N VAL D 201 -2.64 28.43 22.03
CA VAL D 201 -1.78 28.71 20.90
C VAL D 201 -2.49 29.59 19.85
N GLN D 202 -3.76 29.27 19.57
CA GLN D 202 -4.54 29.99 18.56
C GLN D 202 -4.76 31.47 18.89
N GLU D 203 -4.67 31.81 20.18
CA GLU D 203 -4.75 33.20 20.61
C GLU D 203 -3.42 33.88 20.28
N ALA D 204 -3.09 33.89 18.99
CA ALA D 204 -1.83 34.42 18.51
C ALA D 204 -1.93 35.93 18.31
#